data_4DWH
#
_entry.id   4DWH
#
_cell.length_a   122.370
_cell.length_b   48.810
_cell.length_c   113.480
_cell.angle_alpha   90.00
_cell.angle_beta   98.90
_cell.angle_gamma   90.00
#
_symmetry.space_group_name_H-M   'C 1 2 1'
#
loop_
_entity.id
_entity.type
_entity.pdbx_description
1 polymer 'Chaperone protein fimC'
2 polymer 'Type-1 fimbrial protein, A chain'
3 non-polymer DI(HYDROXYETHYL)ETHER
4 non-polymer 'TETRAETHYLENE GLYCOL'
5 non-polymer 'PHOSPHATE ION'
6 non-polymer 'TRIETHYLENE GLYCOL'
7 water water
#
loop_
_entity_poly.entity_id
_entity_poly.type
_entity_poly.pdbx_seq_one_letter_code
_entity_poly.pdbx_strand_id
1 'polypeptide(L)'
;GVALGATRVIYPAGQKQEQLAVTNNDENSTYLIQSWVENADGVKDGRFIVTPPLFAMKGKKENTLRILDATNNQLPQDRE
SLFWMNVKAIPSMDKSKLTENTLQLAIISRIKLYYRPAKLALPPDQAAEKLRFRRSANSLTLINPTPYYLTVTELNAGTR
VLENALVPPMGESTVKLPSDAGSNITYRTINDYGALTPKMTGVME
;
A,C
2 'polypeptide(L)'
;MNAACAVDAGSVDQTVQLGQVRTASLAQEGATSSAVGFNIQLNDCDTNVASKAAVAFLGTAIDAGHTNVLALQSSAAGSA
TNVGVQILDRTGAALTLDGATFSSETTLNNGTNTIPFQARYFATGAATPGAANADATFKVQYQ
;
B,D
#
loop_
_chem_comp.id
_chem_comp.type
_chem_comp.name
_chem_comp.formula
PEG non-polymer DI(HYDROXYETHYL)ETHER 'C4 H10 O3'
PG4 non-polymer 'TETRAETHYLENE GLYCOL' 'C8 H18 O5'
PGE non-polymer 'TRIETHYLENE GLYCOL' 'C6 H14 O4'
PO4 non-polymer 'PHOSPHATE ION' 'O4 P -3'
#
# COMPACT_ATOMS: atom_id res chain seq x y z
N GLY A 1 1.65 8.41 9.35
CA GLY A 1 0.21 8.30 9.37
C GLY A 1 -0.25 6.86 9.47
N VAL A 2 -0.15 6.30 10.67
CA VAL A 2 -0.52 4.90 10.88
C VAL A 2 -2.01 4.71 11.11
N ALA A 3 -2.59 3.77 10.36
CA ALA A 3 -4.01 3.48 10.43
C ALA A 3 -4.25 1.98 10.55
N LEU A 4 -5.47 1.61 10.92
CA LEU A 4 -5.86 0.22 11.09
C LEU A 4 -6.89 -0.13 10.03
N GLY A 5 -7.00 -1.41 9.70
CA GLY A 5 -7.91 -1.85 8.67
C GLY A 5 -9.35 -1.99 9.13
N ALA A 6 -9.58 -1.78 10.43
CA ALA A 6 -10.92 -1.84 11.00
C ALA A 6 -11.05 -0.96 12.25
N THR A 7 -12.28 -0.73 12.68
CA THR A 7 -12.55 -0.01 13.93
C THR A 7 -12.92 -0.95 15.08
N ARG A 8 -13.23 -2.20 14.74
CA ARG A 8 -13.41 -3.26 15.73
C ARG A 8 -13.03 -4.60 15.12
N VAL A 9 -12.70 -5.57 15.96
CA VAL A 9 -12.43 -6.92 15.50
C VAL A 9 -13.37 -7.93 16.17
N ILE A 10 -14.11 -8.67 15.35
CA ILE A 10 -14.92 -9.76 15.83
C ILE A 10 -14.09 -11.05 15.79
N TYR A 11 -13.86 -11.66 16.93
CA TYR A 11 -13.12 -12.91 16.99
C TYR A 11 -14.08 -14.05 17.31
N PRO A 12 -14.45 -14.83 16.28
CA PRO A 12 -15.34 -15.98 16.50
C PRO A 12 -14.63 -17.16 17.14
N ALA A 13 -15.20 -17.66 18.24
CA ALA A 13 -14.65 -18.80 18.94
C ALA A 13 -14.45 -19.93 17.94
N GLY A 14 -13.27 -20.54 17.97
CA GLY A 14 -12.95 -21.61 17.04
C GLY A 14 -11.88 -21.26 16.02
N GLN A 15 -11.70 -19.98 15.75
CA GLN A 15 -10.67 -19.56 14.79
C GLN A 15 -9.28 -19.59 15.41
N LYS A 16 -8.32 -20.12 14.66
CA LYS A 16 -6.95 -20.22 15.13
C LYS A 16 -6.35 -18.82 15.21
N GLN A 17 -6.76 -17.96 14.28
CA GLN A 17 -6.24 -16.61 14.24
C GLN A 17 -7.25 -15.64 13.68
N GLU A 18 -7.03 -14.36 13.94
CA GLU A 18 -7.78 -13.30 13.30
C GLU A 18 -6.78 -12.28 12.77
N GLN A 19 -7.09 -11.69 11.62
CA GLN A 19 -6.18 -10.77 10.96
C GLN A 19 -6.62 -9.31 10.99
N LEU A 20 -5.67 -8.43 11.24
CA LEU A 20 -5.91 -6.99 11.21
C LEU A 20 -4.79 -6.29 10.47
N ALA A 21 -5.14 -5.51 9.45
CA ALA A 21 -4.16 -4.74 8.71
C ALA A 21 -3.75 -3.44 9.41
N VAL A 22 -2.46 -3.13 9.35
CA VAL A 22 -1.92 -1.86 9.83
C VAL A 22 -1.21 -1.20 8.66
N THR A 23 -1.44 0.08 8.44
CA THR A 23 -0.79 0.80 7.35
C THR A 23 -0.10 2.09 7.79
N ASN A 24 0.82 2.56 6.95
CA ASN A 24 1.36 3.89 7.07
C ASN A 24 1.27 4.54 5.69
N ASN A 25 0.65 5.71 5.62
CA ASN A 25 0.40 6.36 4.32
C ASN A 25 1.46 7.38 3.96
N ASP A 26 2.49 7.49 4.79
CA ASP A 26 3.46 8.56 4.64
C ASP A 26 4.84 8.03 4.31
N GLU A 27 5.30 8.35 3.10
CA GLU A 27 6.60 7.92 2.60
C GLU A 27 7.76 8.57 3.36
N ASN A 28 7.51 9.73 3.97
CA ASN A 28 8.55 10.45 4.69
C ASN A 28 8.76 9.97 6.14
N SER A 29 7.77 9.30 6.73
CA SER A 29 7.85 8.95 8.13
C SER A 29 8.22 7.49 8.40
N THR A 30 8.90 7.26 9.50
CA THR A 30 9.33 5.92 9.88
C THR A 30 8.83 5.56 11.28
N TYR A 31 8.16 4.42 11.40
CA TYR A 31 7.54 4.04 12.66
C TYR A 31 7.93 2.67 13.18
N LEU A 32 8.13 2.61 14.48
CA LEU A 32 8.20 1.35 15.21
C LEU A 32 6.77 1.07 15.63
N ILE A 33 6.31 -0.16 15.44
CA ILE A 33 4.92 -0.52 15.74
C ILE A 33 4.83 -1.56 16.85
N GLN A 34 4.27 -1.16 17.98
CA GLN A 34 4.13 -2.07 19.12
C GLN A 34 2.65 -2.38 19.38
N SER A 35 2.32 -3.66 19.45
CA SER A 35 0.93 -4.06 19.59
C SER A 35 0.66 -5.07 20.72
N TRP A 36 -0.49 -4.91 21.37
CA TRP A 36 -0.87 -5.75 22.49
C TRP A 36 -2.38 -5.70 22.73
N VAL A 37 -2.88 -6.68 23.47
CA VAL A 37 -4.31 -6.78 23.76
C VAL A 37 -4.55 -6.61 25.26
N GLU A 38 -5.55 -5.81 25.59
CA GLU A 38 -5.94 -5.55 26.97
C GLU A 38 -7.36 -6.07 27.16
N ASN A 39 -7.69 -6.42 28.40
CA ASN A 39 -9.06 -6.80 28.76
C ASN A 39 -9.93 -5.56 28.94
N ALA A 40 -11.14 -5.76 29.47
CA ALA A 40 -12.04 -4.65 29.73
C ALA A 40 -11.54 -3.75 30.86
N ASP A 41 -10.61 -4.25 31.66
CA ASP A 41 -10.04 -3.46 32.75
C ASP A 41 -8.84 -2.61 32.32
N GLY A 42 -8.43 -2.76 31.07
CA GLY A 42 -7.25 -2.05 30.57
C GLY A 42 -5.96 -2.70 31.02
N VAL A 43 -6.05 -3.96 31.46
CA VAL A 43 -4.87 -4.71 31.88
C VAL A 43 -4.39 -5.62 30.75
N LYS A 44 -3.08 -5.58 30.50
CA LYS A 44 -2.49 -6.35 29.40
C LYS A 44 -2.73 -7.84 29.59
N ASP A 45 -3.59 -8.38 28.73
CA ASP A 45 -4.02 -9.78 28.83
C ASP A 45 -3.21 -10.67 27.90
N GLY A 46 -2.73 -11.79 28.44
CA GLY A 46 -2.03 -12.78 27.65
C GLY A 46 -3.01 -13.73 26.98
N ARG A 47 -4.31 -13.45 27.13
CA ARG A 47 -5.33 -14.31 26.56
C ARG A 47 -5.43 -14.20 25.04
N PHE A 48 -4.96 -13.07 24.49
CA PHE A 48 -4.84 -12.93 23.04
C PHE A 48 -3.44 -12.51 22.63
N ILE A 49 -2.83 -13.30 21.75
CA ILE A 49 -1.47 -13.04 21.30
C ILE A 49 -1.46 -12.28 19.97
N VAL A 50 -0.60 -11.28 19.86
CA VAL A 50 -0.46 -10.55 18.61
C VAL A 50 0.95 -10.72 18.05
N THR A 51 1.05 -11.14 16.80
CA THR A 51 2.33 -11.25 16.12
C THR A 51 2.24 -10.53 14.77
N PRO A 52 3.25 -9.73 14.43
CA PRO A 52 4.43 -9.45 15.27
C PRO A 52 4.08 -8.43 16.35
N PRO A 53 4.52 -8.67 17.59
CA PRO A 53 4.25 -7.73 18.68
C PRO A 53 5.03 -6.43 18.48
N LEU A 54 6.11 -6.51 17.71
CA LEU A 54 6.93 -5.35 17.42
C LEU A 54 7.56 -5.47 16.04
N PHE A 55 7.48 -4.40 15.25
CA PHE A 55 8.11 -4.36 13.94
C PHE A 55 8.21 -2.91 13.44
N ALA A 56 8.94 -2.70 12.34
CA ALA A 56 9.18 -1.35 11.84
C ALA A 56 8.54 -1.08 10.48
N MET A 57 8.07 0.14 10.31
CA MET A 57 7.55 0.60 9.02
C MET A 57 8.35 1.82 8.58
N LYS A 58 9.23 1.62 7.60
CA LYS A 58 10.01 2.71 7.03
C LYS A 58 9.35 3.22 5.76
N GLY A 59 8.39 4.13 5.90
CA GLY A 59 7.68 4.65 4.75
C GLY A 59 6.28 4.08 4.58
N LYS A 60 5.68 4.35 3.42
CA LYS A 60 4.37 3.83 3.04
C LYS A 60 4.37 2.29 3.02
N LYS A 61 3.74 1.68 4.02
CA LYS A 61 3.74 0.22 4.15
C LYS A 61 2.38 -0.33 4.56
N GLU A 62 2.20 -1.62 4.34
CA GLU A 62 1.09 -2.35 4.95
C GLU A 62 1.61 -3.62 5.59
N ASN A 63 1.28 -3.83 6.87
CA ASN A 63 1.60 -5.08 7.54
C ASN A 63 0.37 -5.67 8.22
N THR A 64 0.21 -6.99 8.12
CA THR A 64 -0.92 -7.69 8.71
C THR A 64 -0.55 -8.26 10.06
N LEU A 65 -1.28 -7.85 11.09
CA LEU A 65 -1.13 -8.39 12.43
C LEU A 65 -1.98 -9.66 12.54
N ARG A 66 -1.44 -10.64 13.25
CA ARG A 66 -2.16 -11.89 13.50
C ARG A 66 -2.60 -11.96 14.95
N ILE A 67 -3.91 -12.04 15.16
CA ILE A 67 -4.47 -12.11 16.50
C ILE A 67 -4.79 -13.57 16.83
N LEU A 68 -4.18 -14.08 17.89
CA LEU A 68 -4.28 -15.49 18.25
C LEU A 68 -5.09 -15.68 19.53
N ASP A 69 -6.07 -16.58 19.50
CA ASP A 69 -6.81 -16.97 20.70
C ASP A 69 -5.90 -17.82 21.59
N ALA A 70 -5.54 -17.27 22.75
CA ALA A 70 -4.82 -18.05 23.76
C ALA A 70 -5.62 -18.18 25.06
N THR A 71 -6.94 -18.21 24.94
CA THR A 71 -7.83 -18.15 26.11
C THR A 71 -8.07 -19.50 26.75
N ASN A 72 -7.58 -20.57 26.12
CA ASN A 72 -7.70 -21.91 26.66
C ASN A 72 -9.17 -22.27 26.92
N ASN A 73 -10.05 -21.74 26.08
CA ASN A 73 -11.49 -21.90 26.23
C ASN A 73 -12.02 -21.62 27.64
N GLN A 74 -11.62 -20.49 28.22
CA GLN A 74 -12.02 -20.17 29.58
C GLN A 74 -12.94 -18.97 29.68
N LEU A 75 -13.16 -18.30 28.55
CA LEU A 75 -14.07 -17.16 28.51
C LEU A 75 -15.51 -17.66 28.47
N PRO A 76 -16.47 -16.83 28.92
CA PRO A 76 -17.90 -17.13 28.81
C PRO A 76 -18.30 -17.65 27.42
N GLN A 77 -19.28 -18.56 27.40
CA GLN A 77 -19.74 -19.16 26.15
C GLN A 77 -21.20 -18.86 25.85
N ASP A 78 -21.79 -17.96 26.64
CA ASP A 78 -23.15 -17.50 26.37
C ASP A 78 -23.23 -16.01 26.06
N ARG A 79 -22.06 -15.35 26.01
CA ARG A 79 -22.01 -13.92 25.75
C ARG A 79 -20.65 -13.50 25.19
N GLU A 80 -20.62 -12.32 24.56
CA GLU A 80 -19.38 -11.73 24.07
C GLU A 80 -18.51 -11.23 25.21
N SER A 81 -17.20 -11.39 25.08
CA SER A 81 -16.25 -10.77 26.01
C SER A 81 -15.57 -9.57 25.36
N LEU A 82 -15.45 -8.48 26.11
CA LEU A 82 -14.81 -7.26 25.59
C LEU A 82 -13.32 -7.26 25.87
N PHE A 83 -12.55 -7.03 24.82
CA PHE A 83 -11.11 -6.84 24.91
C PHE A 83 -10.77 -5.58 24.12
N TRP A 84 -9.57 -5.03 24.35
CA TRP A 84 -9.12 -3.88 23.58
C TRP A 84 -7.82 -4.13 22.83
N MET A 85 -7.87 -4.01 21.51
CA MET A 85 -6.68 -4.16 20.68
C MET A 85 -5.94 -2.82 20.66
N ASN A 86 -4.66 -2.87 21.01
CA ASN A 86 -3.84 -1.68 21.10
C ASN A 86 -2.68 -1.71 20.11
N VAL A 87 -2.56 -0.66 19.30
CA VAL A 87 -1.49 -0.57 18.32
C VAL A 87 -0.77 0.79 18.41
N LYS A 88 0.47 0.77 18.88
CA LYS A 88 1.22 1.99 19.15
C LYS A 88 2.25 2.28 18.07
N ALA A 89 2.19 3.48 17.51
CA ALA A 89 3.11 3.90 16.45
C ALA A 89 4.14 4.87 17.01
N ILE A 90 5.39 4.43 17.07
CA ILE A 90 6.46 5.22 17.63
C ILE A 90 7.33 5.78 16.52
N PRO A 91 7.34 7.11 16.35
CA PRO A 91 8.01 7.80 15.24
C PRO A 91 9.51 7.94 15.44
N SER A 92 10.25 7.88 14.33
CA SER A 92 11.69 8.09 14.37
C SER A 92 11.99 9.55 14.72
N MET A 93 13.19 9.81 15.22
CA MET A 93 13.46 11.09 15.86
C MET A 93 13.95 12.21 14.96
N ASP A 94 14.11 13.39 15.56
CA ASP A 94 14.66 14.55 14.87
C ASP A 94 16.07 14.82 15.41
N GLU A 100 15.50 21.48 18.95
CA GLU A 100 15.02 22.76 18.42
C GLU A 100 13.65 23.11 19.00
N ASN A 101 13.42 22.70 20.25
CA ASN A 101 12.13 22.85 20.91
C ASN A 101 11.00 22.19 20.13
N THR A 102 10.76 20.93 20.43
CA THR A 102 9.71 20.17 19.77
C THR A 102 8.92 19.30 20.73
N LEU A 103 7.66 19.07 20.39
CA LEU A 103 6.84 18.05 21.00
C LEU A 103 6.72 16.88 20.02
N GLN A 104 7.06 15.68 20.47
CA GLN A 104 6.90 14.51 19.61
C GLN A 104 5.94 13.50 20.25
N LEU A 105 5.13 12.85 19.42
CA LEU A 105 4.03 12.03 19.90
C LEU A 105 4.01 10.61 19.33
N ALA A 106 3.84 9.61 20.21
CA ALA A 106 3.46 8.29 19.72
C ALA A 106 1.95 8.23 19.66
N ILE A 107 1.42 7.39 18.78
CA ILE A 107 -0.02 7.32 18.61
C ILE A 107 -0.54 5.92 18.97
N ILE A 108 -1.42 5.84 19.96
CA ILE A 108 -2.05 4.56 20.27
C ILE A 108 -3.45 4.48 19.71
N SER A 109 -3.66 3.57 18.77
CA SER A 109 -4.99 3.29 18.25
C SER A 109 -5.61 2.16 19.08
N ARG A 110 -6.80 2.42 19.60
CA ARG A 110 -7.48 1.43 20.42
C ARG A 110 -8.79 1.05 19.76
N ILE A 111 -8.98 -0.24 19.55
CA ILE A 111 -10.23 -0.72 18.97
C ILE A 111 -10.77 -1.91 19.74
N LYS A 112 -12.08 -2.09 19.68
CA LYS A 112 -12.74 -3.16 20.41
C LYS A 112 -12.38 -4.50 19.80
N LEU A 113 -12.10 -5.47 20.67
CA LEU A 113 -11.91 -6.86 20.26
C LEU A 113 -12.94 -7.74 21.00
N TYR A 114 -14.01 -8.10 20.28
CA TYR A 114 -15.05 -8.94 20.82
C TYR A 114 -14.76 -10.42 20.56
N TYR A 115 -14.45 -11.16 21.60
CA TYR A 115 -14.47 -12.62 21.50
C TYR A 115 -15.93 -13.08 21.44
N ARG A 116 -16.33 -13.66 20.31
CA ARG A 116 -17.72 -14.08 20.13
C ARG A 116 -17.86 -15.61 20.04
N PRO A 117 -18.49 -16.22 21.07
CA PRO A 117 -18.73 -17.66 21.13
C PRO A 117 -19.58 -18.17 19.96
N ALA A 118 -19.49 -19.46 19.68
CA ALA A 118 -20.04 -20.04 18.44
C ALA A 118 -21.55 -20.33 18.42
N LYS A 119 -22.15 -20.59 19.59
CA LYS A 119 -23.56 -20.97 19.59
C LYS A 119 -24.40 -20.01 20.43
N LEU A 120 -24.47 -18.75 19.99
CA LEU A 120 -25.41 -17.78 20.53
C LEU A 120 -26.73 -17.95 19.80
N ALA A 121 -27.84 -17.90 20.53
CA ALA A 121 -29.15 -18.08 19.91
C ALA A 121 -29.47 -16.91 18.99
N LEU A 122 -29.50 -15.70 19.54
CA LEU A 122 -29.86 -14.51 18.78
C LEU A 122 -28.82 -14.10 17.73
N PRO A 123 -29.28 -13.93 16.47
CA PRO A 123 -28.38 -13.45 15.41
C PRO A 123 -27.93 -12.05 15.75
N PRO A 124 -26.64 -11.73 15.52
CA PRO A 124 -26.07 -10.42 15.87
C PRO A 124 -26.87 -9.25 15.31
N ASP A 125 -27.46 -9.44 14.15
CA ASP A 125 -28.22 -8.39 13.46
C ASP A 125 -29.55 -8.05 14.14
N GLN A 126 -30.00 -8.90 15.05
CA GLN A 126 -31.27 -8.70 15.74
C GLN A 126 -31.06 -8.12 17.13
N ALA A 127 -29.79 -8.00 17.52
CA ALA A 127 -29.42 -7.60 18.88
C ALA A 127 -29.85 -6.17 19.23
N ALA A 128 -29.60 -5.23 18.32
CA ALA A 128 -29.82 -3.81 18.60
C ALA A 128 -31.28 -3.46 18.88
N GLU A 129 -32.20 -4.25 18.33
CA GLU A 129 -33.62 -3.94 18.47
C GLU A 129 -34.22 -4.41 19.81
N LYS A 130 -33.41 -5.11 20.61
CA LYS A 130 -33.86 -5.64 21.90
C LYS A 130 -33.51 -4.72 23.06
N LEU A 131 -32.85 -3.60 22.74
CA LEU A 131 -32.42 -2.65 23.76
C LEU A 131 -33.60 -1.97 24.45
N ARG A 132 -33.59 -1.98 25.79
CA ARG A 132 -34.67 -1.34 26.55
C ARG A 132 -34.20 -0.18 27.42
N PHE A 133 -35.08 0.79 27.64
CA PHE A 133 -34.74 2.01 28.36
C PHE A 133 -35.65 2.25 29.56
N ARG A 134 -35.07 2.28 30.75
CA ARG A 134 -35.81 2.60 31.96
C ARG A 134 -35.40 3.97 32.50
N ARG A 135 -36.39 4.78 32.87
CA ARG A 135 -36.13 6.11 33.41
C ARG A 135 -36.02 6.08 34.93
N SER A 136 -34.95 6.68 35.45
CA SER A 136 -34.79 6.83 36.89
C SER A 136 -35.19 8.22 37.32
N ALA A 137 -34.55 8.73 38.37
CA ALA A 137 -34.79 10.10 38.80
C ALA A 137 -34.23 11.07 37.76
N ASN A 138 -32.91 11.16 37.69
CA ASN A 138 -32.26 12.11 36.77
C ASN A 138 -31.37 11.41 35.76
N SER A 139 -31.72 10.18 35.41
CA SER A 139 -30.88 9.40 34.50
C SER A 139 -31.68 8.44 33.63
N LEU A 140 -31.06 7.96 32.56
CA LEU A 140 -31.66 6.94 31.72
C LEU A 140 -30.78 5.70 31.70
N THR A 141 -31.39 4.55 31.97
CA THR A 141 -30.66 3.29 32.01
C THR A 141 -30.99 2.46 30.77
N LEU A 142 -29.94 2.09 30.04
CA LEU A 142 -30.07 1.26 28.85
C LEU A 142 -29.96 -0.21 29.26
N ILE A 143 -30.97 -1.00 28.95
CA ILE A 143 -30.99 -2.41 29.34
C ILE A 143 -30.77 -3.32 28.14
N ASN A 144 -29.73 -4.15 28.22
CA ASN A 144 -29.37 -5.05 27.14
C ASN A 144 -29.61 -6.52 27.51
N PRO A 145 -30.62 -7.15 26.91
CA PRO A 145 -30.92 -8.55 27.23
C PRO A 145 -30.18 -9.54 26.33
N THR A 146 -29.37 -9.03 25.41
CA THR A 146 -28.72 -9.87 24.41
C THR A 146 -27.30 -10.24 24.80
N PRO A 147 -26.73 -11.29 24.17
CA PRO A 147 -25.33 -11.66 24.41
C PRO A 147 -24.27 -10.79 23.72
N TYR A 148 -24.66 -9.69 23.08
CA TYR A 148 -23.70 -8.85 22.35
C TYR A 148 -23.49 -7.48 22.98
N TYR A 149 -22.24 -7.00 22.98
CA TYR A 149 -21.95 -5.62 23.36
C TYR A 149 -22.59 -4.66 22.36
N LEU A 150 -23.39 -3.75 22.88
CA LEU A 150 -24.05 -2.75 22.03
C LEU A 150 -23.42 -1.37 22.18
N THR A 151 -22.77 -0.91 21.11
CA THR A 151 -22.25 0.45 21.06
C THR A 151 -23.39 1.36 20.59
N VAL A 152 -23.96 2.09 21.54
CA VAL A 152 -25.10 2.95 21.29
C VAL A 152 -24.64 4.38 21.03
N THR A 153 -25.07 4.94 19.91
CA THR A 153 -24.68 6.30 19.54
C THR A 153 -25.87 7.07 18.97
N GLU A 154 -25.71 8.38 18.82
CA GLU A 154 -26.79 9.29 18.43
C GLU A 154 -28.06 9.05 19.26
N LEU A 155 -27.88 8.88 20.56
CA LEU A 155 -29.01 8.62 21.46
C LEU A 155 -29.77 9.90 21.74
N ASN A 156 -31.07 9.88 21.43
CA ASN A 156 -31.91 11.05 21.63
C ASN A 156 -33.15 10.75 22.46
N ALA A 157 -33.45 11.62 23.41
CA ALA A 157 -34.67 11.48 24.20
C ALA A 157 -35.59 12.64 23.82
N GLY A 158 -36.50 12.38 22.90
CA GLY A 158 -37.33 13.43 22.35
C GLY A 158 -36.47 14.33 21.48
N THR A 159 -36.11 15.48 22.04
CA THR A 159 -35.37 16.50 21.31
C THR A 159 -33.92 16.63 21.80
N ARG A 160 -33.66 16.22 23.03
CA ARG A 160 -32.32 16.35 23.60
C ARG A 160 -31.38 15.21 23.24
N VAL A 161 -30.13 15.55 22.98
CA VAL A 161 -29.13 14.59 22.55
C VAL A 161 -28.29 14.08 23.73
N LEU A 162 -28.33 12.78 23.96
CA LEU A 162 -27.67 12.17 25.11
C LEU A 162 -26.26 11.66 24.81
N GLU A 163 -25.56 11.21 25.84
CA GLU A 163 -24.21 10.69 25.70
C GLU A 163 -24.23 9.32 25.04
N ASN A 164 -23.10 8.94 24.45
CA ASN A 164 -22.96 7.63 23.84
C ASN A 164 -22.65 6.55 24.88
N ALA A 165 -23.21 5.36 24.71
CA ALA A 165 -23.03 4.29 25.69
C ALA A 165 -22.55 2.97 25.11
N LEU A 166 -21.76 2.24 25.90
CA LEU A 166 -21.38 0.87 25.57
C LEU A 166 -22.11 -0.09 26.49
N VAL A 167 -23.23 -0.62 26.04
CA VAL A 167 -24.03 -1.49 26.90
C VAL A 167 -23.63 -2.96 26.78
N PRO A 168 -23.08 -3.53 27.88
CA PRO A 168 -22.57 -4.91 27.94
C PRO A 168 -23.69 -5.96 27.81
N PRO A 169 -23.34 -7.18 27.36
CA PRO A 169 -24.31 -8.27 27.16
C PRO A 169 -25.01 -8.64 28.45
N MET A 170 -26.33 -8.78 28.39
CA MET A 170 -27.13 -9.13 29.56
C MET A 170 -26.85 -8.22 30.75
N GLY A 171 -26.48 -6.98 30.45
CA GLY A 171 -26.11 -6.01 31.46
C GLY A 171 -26.73 -4.66 31.17
N GLU A 172 -26.16 -3.61 31.76
CA GLU A 172 -26.72 -2.28 31.57
C GLU A 172 -25.72 -1.14 31.71
N SER A 173 -26.11 0.02 31.20
CA SER A 173 -25.29 1.22 31.24
C SER A 173 -26.24 2.36 31.55
N THR A 174 -25.72 3.46 32.09
CA THR A 174 -26.60 4.52 32.58
C THR A 174 -26.12 5.93 32.29
N VAL A 175 -26.77 6.59 31.33
CA VAL A 175 -26.44 7.97 30.96
C VAL A 175 -27.25 8.98 31.77
N LYS A 176 -26.99 10.26 31.54
CA LYS A 176 -27.71 11.31 32.24
C LYS A 176 -28.87 11.84 31.39
N LEU A 177 -29.91 12.33 32.06
CA LEU A 177 -31.05 12.95 31.38
C LEU A 177 -31.18 14.43 31.73
N PRO A 178 -31.47 15.26 30.72
CA PRO A 178 -31.63 16.71 30.88
C PRO A 178 -32.96 17.09 31.50
N SER A 179 -33.93 16.17 31.42
CA SER A 179 -35.28 16.38 31.99
C SER A 179 -35.90 17.70 31.56
N GLY A 182 -37.84 14.23 26.69
CA GLY A 182 -38.94 13.59 26.02
C GLY A 182 -38.99 12.10 26.28
N SER A 183 -40.07 11.45 25.84
CA SER A 183 -40.24 10.01 26.05
C SER A 183 -39.93 9.22 24.77
N ASN A 184 -40.00 9.89 23.63
CA ASN A 184 -39.66 9.28 22.36
C ASN A 184 -38.15 9.17 22.22
N ILE A 185 -37.65 7.95 22.15
CA ILE A 185 -36.22 7.72 22.05
C ILE A 185 -35.83 7.28 20.64
N THR A 186 -34.78 7.87 20.09
CA THR A 186 -34.16 7.38 18.86
C THR A 186 -32.69 7.08 19.12
N TYR A 187 -32.15 6.12 18.39
CA TYR A 187 -30.76 5.73 18.56
C TYR A 187 -30.25 4.93 17.35
N ARG A 188 -28.94 4.97 17.13
CA ARG A 188 -28.30 4.11 16.16
C ARG A 188 -27.30 3.26 16.93
N THR A 189 -26.85 2.17 16.32
CA THR A 189 -25.71 1.44 16.84
C THR A 189 -24.66 1.22 15.74
N ILE A 190 -23.48 0.77 16.13
CA ILE A 190 -22.44 0.44 15.17
C ILE A 190 -22.33 -1.07 15.04
N ASN A 191 -22.48 -1.58 13.82
CA ASN A 191 -22.39 -3.02 13.58
C ASN A 191 -20.98 -3.58 13.55
N ASP A 192 -20.87 -4.83 13.12
CA ASP A 192 -19.58 -5.53 13.08
C ASP A 192 -18.63 -4.93 12.06
N TYR A 193 -19.17 -4.25 11.06
CA TYR A 193 -18.35 -3.69 9.99
C TYR A 193 -17.98 -2.23 10.29
N GLY A 194 -18.35 -1.76 11.48
CA GLY A 194 -18.05 -0.39 11.88
C GLY A 194 -19.00 0.61 11.27
N ALA A 195 -20.14 0.12 10.79
CA ALA A 195 -21.10 0.99 10.11
C ALA A 195 -22.28 1.34 11.01
N LEU A 196 -22.76 2.57 10.84
CA LEU A 196 -23.93 3.05 11.56
C LEU A 196 -25.17 2.35 11.05
N THR A 197 -25.99 1.83 11.96
CA THR A 197 -27.30 1.31 11.59
C THR A 197 -28.25 2.48 11.32
N PRO A 198 -29.39 2.22 10.66
CA PRO A 198 -30.41 3.26 10.55
C PRO A 198 -30.97 3.66 11.93
N LYS A 199 -31.81 4.69 11.96
CA LYS A 199 -32.41 5.16 13.21
C LYS A 199 -33.45 4.18 13.76
N MET A 200 -33.25 3.76 14.99
CA MET A 200 -34.20 2.89 15.67
C MET A 200 -34.93 3.67 16.76
N THR A 201 -36.18 3.30 17.00
CA THR A 201 -36.98 3.98 18.01
C THR A 201 -37.12 3.17 19.29
N GLY A 202 -37.16 3.89 20.42
CA GLY A 202 -37.35 3.25 21.71
C GLY A 202 -38.48 3.87 22.53
N VAL A 203 -38.76 3.27 23.68
CA VAL A 203 -39.75 3.79 24.60
C VAL A 203 -39.22 3.65 26.03
N MET A 204 -39.07 4.79 26.71
CA MET A 204 -38.54 4.78 28.07
C MET A 204 -39.62 4.43 29.09
N MET B 1 -16.51 -2.63 6.64
CA MET B 1 -16.00 -1.85 5.53
C MET B 1 -15.19 -0.62 5.97
N ASN B 2 -15.53 -0.06 7.14
CA ASN B 2 -14.89 1.16 7.60
C ASN B 2 -13.56 0.92 8.32
N ALA B 3 -12.53 1.59 7.84
CA ALA B 3 -11.19 1.51 8.42
C ALA B 3 -10.97 2.61 9.46
N ALA B 4 -9.97 2.41 10.30
CA ALA B 4 -9.58 3.45 11.25
C ALA B 4 -8.85 4.59 10.54
N CYS B 5 -8.37 5.57 11.28
CA CYS B 5 -7.82 6.79 10.69
C CYS B 5 -6.29 6.85 10.72
N ALA B 6 -5.72 7.42 9.67
CA ALA B 6 -4.28 7.65 9.65
C ALA B 6 -3.99 8.92 10.44
N VAL B 7 -3.35 8.75 11.60
CA VAL B 7 -3.15 9.85 12.55
C VAL B 7 -1.82 10.57 12.28
N ASP B 8 -1.87 11.90 12.26
CA ASP B 8 -0.67 12.71 12.01
C ASP B 8 -0.63 14.03 12.76
N ALA B 9 0.31 14.14 13.70
CA ALA B 9 0.59 15.42 14.34
C ALA B 9 1.77 16.07 13.62
N GLY B 10 1.58 17.30 13.15
CA GLY B 10 2.62 17.96 12.39
C GLY B 10 2.62 17.47 10.96
N SER B 11 3.81 17.37 10.37
CA SER B 11 3.96 16.98 8.97
C SER B 11 4.83 15.75 8.81
N VAL B 12 5.67 15.48 9.79
CA VAL B 12 6.58 14.34 9.73
C VAL B 12 6.83 13.78 11.12
N ASP B 13 6.89 12.45 11.21
CA ASP B 13 7.26 11.74 12.43
C ASP B 13 6.58 12.26 13.70
N GLN B 14 5.33 12.69 13.56
CA GLN B 14 4.51 13.14 14.67
C GLN B 14 5.18 14.26 15.47
N THR B 15 5.98 15.07 14.78
CA THR B 15 6.79 16.09 15.42
C THR B 15 6.15 17.49 15.33
N VAL B 16 5.95 18.10 16.49
CA VAL B 16 5.37 19.43 16.58
C VAL B 16 6.41 20.44 17.03
N GLN B 17 6.50 21.55 16.30
CA GLN B 17 7.41 22.64 16.64
C GLN B 17 6.87 23.47 17.81
N LEU B 18 7.71 23.70 18.80
CA LEU B 18 7.36 24.60 19.90
C LEU B 18 8.03 25.97 19.74
N GLY B 19 7.52 26.97 20.45
CA GLY B 19 8.15 28.27 20.47
C GLY B 19 9.41 28.22 21.31
N GLN B 20 10.13 29.33 21.40
CA GLN B 20 11.33 29.39 22.22
C GLN B 20 10.95 29.63 23.69
N VAL B 21 11.80 29.19 24.61
CA VAL B 21 11.54 29.39 26.03
C VAL B 21 12.21 30.68 26.53
N ARG B 22 11.42 31.74 26.68
CA ARG B 22 11.92 32.98 27.27
C ARG B 22 11.77 32.93 28.79
N THR B 23 12.89 32.90 29.49
CA THR B 23 12.88 32.82 30.94
C THR B 23 12.26 34.04 31.60
N ALA B 24 12.28 35.17 30.89
CA ALA B 24 11.76 36.43 31.42
C ALA B 24 10.23 36.49 31.38
N SER B 25 9.63 35.48 30.75
CA SER B 25 8.18 35.36 30.73
C SER B 25 7.74 34.28 31.72
N LEU B 26 8.71 33.49 32.18
CA LEU B 26 8.44 32.33 33.03
C LEU B 26 9.21 32.41 34.35
N ALA B 27 9.30 33.62 34.91
CA ALA B 27 10.13 33.84 36.08
C ALA B 27 9.66 33.17 37.37
N GLN B 28 8.37 32.83 37.44
CA GLN B 28 7.80 32.27 38.67
C GLN B 28 6.97 31.03 38.42
N GLU B 29 6.59 30.35 39.50
CA GLU B 29 5.65 29.25 39.44
C GLU B 29 4.27 29.77 39.02
N GLY B 30 3.62 29.06 38.12
CA GLY B 30 2.31 29.44 37.64
C GLY B 30 2.40 30.27 36.37
N ALA B 31 3.59 30.77 36.09
CA ALA B 31 3.79 31.61 34.91
C ALA B 31 3.66 30.73 33.68
N THR B 32 3.06 31.28 32.63
CA THR B 32 2.94 30.56 31.37
C THR B 32 3.50 31.39 30.23
N SER B 33 3.81 30.73 29.13
CA SER B 33 4.30 31.42 27.96
C SER B 33 3.13 31.66 27.02
N SER B 34 3.41 32.16 25.83
CA SER B 34 2.41 32.21 24.78
C SER B 34 2.21 30.79 24.25
N ALA B 35 1.01 30.51 23.76
CA ALA B 35 0.69 29.17 23.28
C ALA B 35 0.77 29.08 21.76
N VAL B 36 1.52 28.09 21.30
CA VAL B 36 1.60 27.76 19.89
C VAL B 36 0.50 26.77 19.54
N GLY B 37 -0.15 26.98 18.41
CA GLY B 37 -1.11 26.01 17.92
C GLY B 37 -0.50 24.84 17.18
N PHE B 38 -1.19 23.70 17.23
CA PHE B 38 -0.88 22.59 16.34
C PHE B 38 -2.16 21.80 16.07
N ASN B 39 -2.13 20.98 15.03
CA ASN B 39 -3.27 20.15 14.70
C ASN B 39 -2.88 18.69 14.71
N ILE B 40 -3.81 17.83 15.08
CA ILE B 40 -3.67 16.40 14.86
C ILE B 40 -4.70 15.95 13.83
N GLN B 41 -4.22 15.31 12.76
CA GLN B 41 -5.06 14.99 11.63
C GLN B 41 -5.50 13.52 11.68
N LEU B 42 -6.80 13.29 11.51
CA LEU B 42 -7.32 11.93 11.40
C LEU B 42 -7.70 11.60 9.96
N ASN B 43 -6.70 11.23 9.15
CA ASN B 43 -6.88 11.12 7.70
C ASN B 43 -7.39 9.79 7.16
N ASP B 44 -7.81 9.84 5.91
CA ASP B 44 -8.13 8.65 5.12
C ASP B 44 -9.25 7.81 5.70
N CYS B 45 -10.18 8.44 6.41
CA CYS B 45 -11.30 7.72 6.97
C CYS B 45 -12.60 8.50 6.88
N ASP B 46 -13.70 7.77 7.01
CA ASP B 46 -15.06 8.31 7.08
C ASP B 46 -15.09 9.44 8.12
N THR B 47 -15.74 10.54 7.78
CA THR B 47 -15.77 11.69 8.67
C THR B 47 -16.60 11.44 9.93
N ASN B 48 -17.43 10.40 9.90
CA ASN B 48 -18.19 10.01 11.08
C ASN B 48 -17.43 9.05 11.99
N VAL B 49 -16.35 8.47 11.48
CA VAL B 49 -15.48 7.65 12.30
C VAL B 49 -14.57 8.56 13.10
N ALA B 50 -13.93 9.48 12.39
CA ALA B 50 -12.99 10.43 13.00
C ALA B 50 -13.61 11.29 14.10
N SER B 51 -14.70 11.98 13.78
CA SER B 51 -15.37 12.86 14.72
C SER B 51 -15.90 12.13 15.96
N LYS B 52 -16.48 10.95 15.75
CA LYS B 52 -17.09 10.20 16.84
C LYS B 52 -16.08 9.40 17.66
N ALA B 53 -14.81 9.72 17.54
CA ALA B 53 -13.77 9.03 18.30
C ALA B 53 -13.48 9.75 19.61
N ALA B 54 -12.88 9.04 20.56
CA ALA B 54 -12.48 9.65 21.82
C ALA B 54 -10.97 9.70 21.93
N VAL B 55 -10.43 10.89 22.15
CA VAL B 55 -8.99 11.10 22.16
C VAL B 55 -8.49 11.50 23.56
N ALA B 56 -7.25 11.15 23.86
CA ALA B 56 -6.61 11.50 25.13
C ALA B 56 -5.09 11.49 25.02
N PHE B 57 -4.42 12.17 25.95
CA PHE B 57 -2.96 12.21 26.00
C PHE B 57 -2.42 11.43 27.19
N LEU B 58 -1.14 11.05 27.11
CA LEU B 58 -0.51 10.24 28.15
C LEU B 58 0.99 10.52 28.24
N GLY B 59 1.42 11.06 29.37
CA GLY B 59 2.82 11.39 29.57
C GLY B 59 3.21 11.56 31.03
N THR B 60 4.51 11.71 31.25
CA THR B 60 5.06 11.91 32.59
C THR B 60 4.88 13.36 33.03
N ALA B 61 4.20 13.54 34.16
CA ALA B 61 3.99 14.86 34.74
C ALA B 61 5.31 15.45 35.23
N ILE B 62 5.39 16.77 35.28
CA ILE B 62 6.61 17.45 35.70
C ILE B 62 6.86 17.23 37.19
N ASP B 63 5.80 17.32 37.98
CA ASP B 63 5.83 16.94 39.38
C ASP B 63 4.42 16.56 39.84
N ALA B 64 4.29 16.10 41.08
CA ALA B 64 3.02 15.60 41.61
C ALA B 64 2.00 16.73 41.71
N GLY B 65 2.48 17.95 41.82
CA GLY B 65 1.62 19.11 41.90
C GLY B 65 1.00 19.49 40.56
N HIS B 66 1.66 19.09 39.48
CA HIS B 66 1.24 19.51 38.13
C HIS B 66 1.03 18.33 37.20
N THR B 67 -0.05 17.58 37.41
CA THR B 67 -0.27 16.35 36.64
C THR B 67 -0.69 16.58 35.18
N ASN B 68 -0.99 17.82 34.82
CA ASN B 68 -1.32 18.14 33.44
C ASN B 68 -0.22 18.97 32.76
N VAL B 69 0.93 19.04 33.42
CA VAL B 69 2.09 19.70 32.84
C VAL B 69 3.15 18.65 32.53
N LEU B 70 3.43 18.50 31.25
CA LEU B 70 4.29 17.43 30.76
C LEU B 70 5.76 17.78 30.98
N ALA B 71 6.53 16.84 31.52
CA ALA B 71 7.95 17.10 31.81
C ALA B 71 8.80 17.22 30.54
N LEU B 72 10.09 17.48 30.73
CA LEU B 72 11.02 17.71 29.62
C LEU B 72 12.03 16.58 29.50
N GLN B 73 12.86 16.64 28.47
CA GLN B 73 13.89 15.63 28.22
C GLN B 73 15.27 16.28 28.15
N SER B 74 16.06 16.12 29.21
CA SER B 74 17.36 16.76 29.29
C SER B 74 18.37 16.19 28.31
N SER B 79 18.36 22.36 27.73
CA SER B 79 18.04 21.61 28.93
C SER B 79 17.44 22.50 30.01
N ALA B 80 16.46 23.30 29.62
CA ALA B 80 15.80 24.24 30.53
C ALA B 80 15.07 23.48 31.64
N THR B 81 15.08 24.04 32.85
CA THR B 81 14.41 23.42 33.98
C THR B 81 13.38 24.34 34.65
N ASN B 82 12.69 23.80 35.66
CA ASN B 82 11.59 24.48 36.34
C ASN B 82 10.43 24.81 35.40
N VAL B 83 10.24 23.98 34.37
CA VAL B 83 9.25 24.25 33.33
C VAL B 83 8.97 23.02 32.45
N GLY B 84 7.70 22.80 32.17
CA GLY B 84 7.30 21.71 31.31
C GLY B 84 6.32 22.20 30.26
N VAL B 85 5.77 21.28 29.49
CA VAL B 85 4.81 21.60 28.43
C VAL B 85 3.38 21.24 28.83
N GLN B 86 2.43 22.06 28.43
CA GLN B 86 1.02 21.84 28.71
C GLN B 86 0.23 21.86 27.40
N ILE B 87 -0.69 20.91 27.23
CA ILE B 87 -1.46 20.81 26.00
C ILE B 87 -2.91 21.24 26.22
N LEU B 88 -3.41 22.12 25.34
CA LEU B 88 -4.71 22.75 25.52
C LEU B 88 -5.63 22.40 24.37
N ASP B 89 -6.93 22.45 24.60
CA ASP B 89 -7.89 22.20 23.53
C ASP B 89 -7.98 23.38 22.58
N ARG B 90 -9.00 23.36 21.73
CA ARG B 90 -9.23 24.35 20.69
C ARG B 90 -9.34 25.80 21.19
N THR B 91 -9.77 25.99 22.44
CA THR B 91 -10.07 27.32 22.96
C THR B 91 -9.13 27.78 24.08
N GLY B 92 -8.24 26.90 24.51
CA GLY B 92 -7.26 27.25 25.51
C GLY B 92 -7.52 26.66 26.89
N ALA B 93 -7.80 25.36 26.95
CA ALA B 93 -8.05 24.68 28.21
C ALA B 93 -7.18 23.43 28.37
N ALA B 94 -6.38 23.39 29.44
CA ALA B 94 -5.44 22.28 29.65
C ALA B 94 -6.13 20.92 29.74
N LEU B 95 -5.37 19.88 29.38
CA LEU B 95 -5.88 18.51 29.34
C LEU B 95 -4.97 17.59 30.14
N THR B 96 -5.51 16.48 30.63
CA THR B 96 -4.76 15.59 31.52
C THR B 96 -3.77 14.70 30.79
N LEU B 97 -2.88 14.07 31.56
CA LEU B 97 -1.85 13.20 31.02
C LEU B 97 -1.92 11.80 31.61
N ASP B 98 -3.05 11.47 32.25
CA ASP B 98 -3.20 10.15 32.84
C ASP B 98 -3.73 9.12 31.85
N GLY B 99 -4.18 9.59 30.68
CA GLY B 99 -4.62 8.70 29.63
C GLY B 99 -6.04 8.17 29.82
N ALA B 100 -6.80 8.82 30.69
CA ALA B 100 -8.20 8.43 30.91
C ALA B 100 -9.12 9.64 30.84
N THR B 101 -8.65 10.71 30.20
CA THR B 101 -9.44 11.93 30.05
C THR B 101 -9.86 12.17 28.59
N PHE B 102 -10.99 11.58 28.22
CA PHE B 102 -11.56 11.69 26.89
C PHE B 102 -12.49 12.94 26.92
N SER B 103 -13.43 13.20 25.99
CA SER B 103 -13.98 12.31 24.97
C SER B 103 -13.80 12.84 23.53
N SER B 104 -14.92 13.06 22.85
CA SER B 104 -14.93 13.43 21.44
C SER B 104 -14.37 14.82 21.18
N GLY B 111 -12.02 22.84 8.16
CA GLY B 111 -11.42 21.68 7.54
C GLY B 111 -12.06 20.39 8.03
N THR B 112 -11.74 19.28 7.38
CA THR B 112 -12.31 18.01 7.79
C THR B 112 -11.29 17.10 8.48
N ASN B 113 -11.75 16.48 9.58
CA ASN B 113 -10.95 15.54 10.35
C ASN B 113 -9.72 16.13 11.05
N THR B 114 -9.76 17.43 11.32
CA THR B 114 -8.68 18.11 12.03
C THR B 114 -9.04 18.23 13.51
N ILE B 115 -8.09 17.89 14.39
CA ILE B 115 -8.26 18.18 15.81
C ILE B 115 -7.28 19.25 16.23
N PRO B 116 -7.80 20.46 16.46
CA PRO B 116 -6.95 21.61 16.80
C PRO B 116 -6.54 21.60 18.27
N PHE B 117 -5.24 21.81 18.51
CA PHE B 117 -4.71 21.88 19.85
C PHE B 117 -3.84 23.13 20.02
N GLN B 118 -3.48 23.43 21.26
CA GLN B 118 -2.44 24.41 21.56
C GLN B 118 -1.43 23.77 22.50
N ALA B 119 -0.22 24.31 22.53
CA ALA B 119 0.78 23.90 23.52
C ALA B 119 1.47 25.14 24.07
N ARG B 120 1.89 25.08 25.33
CA ARG B 120 2.54 26.21 25.99
C ARG B 120 3.42 25.72 27.13
N TYR B 121 4.29 26.59 27.63
CA TYR B 121 5.15 26.25 28.76
C TYR B 121 4.54 26.66 30.08
N PHE B 122 4.53 25.73 31.02
CA PHE B 122 4.10 26.02 32.38
C PHE B 122 5.32 25.97 33.29
N ALA B 123 5.63 27.08 33.92
CA ALA B 123 6.77 27.15 34.83
C ALA B 123 6.39 26.61 36.22
N THR B 124 7.32 25.89 36.83
CA THR B 124 7.12 25.40 38.19
C THR B 124 8.02 26.17 39.13
N GLY B 125 8.60 27.26 38.62
CA GLY B 125 9.49 28.10 39.38
C GLY B 125 10.31 28.95 38.44
N ALA B 126 11.37 29.56 38.95
CA ALA B 126 12.26 30.37 38.13
C ALA B 126 12.89 29.51 37.06
N ALA B 127 12.39 29.64 35.84
CA ALA B 127 12.86 28.82 34.72
C ALA B 127 14.29 29.16 34.34
N THR B 128 15.13 28.14 34.23
CA THR B 128 16.49 28.31 33.75
C THR B 128 16.52 28.16 32.24
N PRO B 129 17.37 28.94 31.55
CA PRO B 129 17.45 28.88 30.09
C PRO B 129 17.85 27.49 29.57
N GLY B 130 17.58 27.26 28.29
CA GLY B 130 17.87 25.99 27.66
C GLY B 130 16.74 25.58 26.73
N ALA B 131 16.94 24.49 26.02
CA ALA B 131 15.95 24.01 25.05
C ALA B 131 14.91 23.09 25.70
N ALA B 132 13.69 23.15 25.18
CA ALA B 132 12.61 22.33 25.71
C ALA B 132 12.10 21.31 24.70
N ASN B 133 12.52 20.05 24.87
CA ASN B 133 12.05 18.96 24.03
C ASN B 133 11.21 17.98 24.85
N ALA B 134 9.95 17.80 24.47
CA ALA B 134 9.07 16.95 25.25
C ALA B 134 8.40 15.86 24.41
N ASP B 135 8.22 14.70 25.04
CA ASP B 135 7.54 13.57 24.40
C ASP B 135 6.23 13.28 25.10
N ALA B 136 5.31 12.66 24.37
CA ALA B 136 4.07 12.14 24.96
C ALA B 136 3.42 11.14 24.01
N THR B 137 2.29 10.59 24.43
CA THR B 137 1.55 9.68 23.58
C THR B 137 0.13 10.19 23.41
N PHE B 138 -0.38 10.10 22.19
CA PHE B 138 -1.75 10.48 21.89
C PHE B 138 -2.57 9.21 21.65
N LYS B 139 -3.69 9.10 22.35
CA LYS B 139 -4.52 7.90 22.30
C LYS B 139 -5.81 8.14 21.54
N VAL B 140 -6.00 7.37 20.48
CA VAL B 140 -7.25 7.39 19.73
C VAL B 140 -8.02 6.10 20.01
N GLN B 141 -9.23 6.24 20.52
CA GLN B 141 -10.08 5.09 20.81
C GLN B 141 -11.37 5.22 20.02
N TYR B 142 -11.61 4.24 19.17
CA TYR B 142 -12.75 4.31 18.27
C TYR B 142 -14.04 3.76 18.89
N GLN B 143 -15.15 4.36 18.50
CA GLN B 143 -16.47 3.96 18.94
C GLN B 143 -16.79 2.62 18.31
N GLY C 1 5.37 -9.10 -5.01
CA GLY C 1 5.58 -8.78 -6.41
C GLY C 1 5.59 -7.29 -6.70
N VAL C 2 6.61 -6.84 -7.42
CA VAL C 2 6.78 -5.43 -7.71
C VAL C 2 5.97 -4.97 -8.93
N ALA C 3 5.21 -3.89 -8.75
CA ALA C 3 4.39 -3.33 -9.80
C ALA C 3 4.68 -1.84 -9.99
N LEU C 4 4.09 -1.26 -11.02
CA LEU C 4 4.21 0.16 -11.30
C LEU C 4 2.82 0.77 -11.35
N GLY C 5 2.72 2.05 -10.98
CA GLY C 5 1.44 2.73 -10.92
C GLY C 5 0.83 3.06 -12.27
N ALA C 6 1.59 2.85 -13.34
CA ALA C 6 1.07 3.08 -14.68
C ALA C 6 1.79 2.23 -15.75
N THR C 7 1.23 2.16 -16.94
CA THR C 7 1.83 1.41 -18.04
C THR C 7 2.57 2.34 -19.02
N ARG C 8 2.44 3.64 -18.80
CA ARG C 8 3.13 4.64 -19.59
C ARG C 8 3.18 5.93 -18.79
N VAL C 9 4.21 6.74 -19.01
CA VAL C 9 4.25 8.07 -18.41
C VAL C 9 4.31 9.17 -19.46
N ILE C 10 3.35 10.08 -19.39
CA ILE C 10 3.33 11.25 -20.25
C ILE C 10 4.03 12.41 -19.55
N TYR C 11 5.23 12.75 -20.01
CA TYR C 11 5.97 13.86 -19.46
C TYR C 11 5.72 15.12 -20.28
N PRO C 12 5.00 16.08 -19.69
CA PRO C 12 4.68 17.35 -20.36
C PRO C 12 5.85 18.32 -20.24
N ALA C 13 6.30 18.83 -21.39
CA ALA C 13 7.38 19.81 -21.42
C ALA C 13 7.00 20.94 -20.47
N GLY C 14 7.97 21.41 -19.69
CA GLY C 14 7.71 22.43 -18.70
C GLY C 14 7.81 21.93 -17.27
N GLN C 15 7.29 20.74 -17.01
CA GLN C 15 7.29 20.18 -15.66
C GLN C 15 8.71 20.05 -15.11
N LYS C 16 8.85 20.26 -13.81
CA LYS C 16 10.13 20.06 -13.15
C LYS C 16 10.35 18.57 -12.92
N GLN C 17 9.25 17.86 -12.69
CA GLN C 17 9.32 16.45 -12.37
C GLN C 17 8.05 15.74 -12.76
N GLU C 18 8.14 14.42 -12.89
CA GLU C 18 6.96 13.58 -13.02
C GLU C 18 7.06 12.44 -12.03
N GLN C 19 5.92 11.98 -11.53
CA GLN C 19 5.92 10.96 -10.50
C GLN C 19 5.38 9.61 -10.98
N LEU C 20 6.04 8.54 -10.52
CA LEU C 20 5.59 7.20 -10.80
C LEU C 20 5.67 6.36 -9.55
N ALA C 21 4.57 5.68 -9.21
CA ALA C 21 4.52 4.82 -8.05
C ALA C 21 5.13 3.45 -8.34
N VAL C 22 5.86 2.90 -7.38
CA VAL C 22 6.36 1.55 -7.43
C VAL C 22 5.90 0.85 -6.16
N THR C 23 5.38 -0.35 -6.28
CA THR C 23 4.88 -1.08 -5.11
C THR C 23 5.46 -2.49 -5.01
N ASN C 24 5.29 -3.08 -3.84
CA ASN C 24 5.51 -4.49 -3.64
C ASN C 24 4.31 -5.00 -2.83
N ASN C 25 3.67 -6.07 -3.28
CA ASN C 25 2.45 -6.54 -2.66
C ASN C 25 2.65 -7.74 -1.75
N ASP C 26 3.90 -8.01 -1.40
CA ASP C 26 4.30 -9.27 -0.78
C ASP C 26 5.09 -9.00 0.48
N GLU C 27 4.47 -9.26 1.63
CA GLU C 27 5.09 -9.04 2.93
C GLU C 27 6.25 -9.98 3.20
N ASN C 28 6.34 -11.06 2.43
CA ASN C 28 7.40 -12.07 2.61
C ASN C 28 8.65 -11.85 1.73
N SER C 29 8.56 -10.94 0.76
CA SER C 29 9.70 -10.74 -0.14
C SER C 29 10.39 -9.38 0.05
N THR C 30 11.70 -9.37 -0.23
CA THR C 30 12.50 -8.16 -0.07
C THR C 30 13.21 -7.83 -1.38
N TYR C 31 13.12 -6.58 -1.79
CA TYR C 31 13.65 -6.18 -3.09
C TYR C 31 14.61 -5.02 -3.03
N LEU C 32 15.60 -5.06 -3.92
CA LEU C 32 16.42 -3.90 -4.19
C LEU C 32 15.85 -3.36 -5.49
N ILE C 33 15.59 -2.06 -5.54
CA ILE C 33 14.95 -1.48 -6.72
C ILE C 33 15.91 -0.56 -7.45
N GLN C 34 16.24 -0.91 -8.69
CA GLN C 34 17.14 -0.12 -9.51
C GLN C 34 16.41 0.41 -10.73
N SER C 35 16.47 1.73 -10.92
CA SER C 35 15.69 2.39 -11.96
C SER C 35 16.51 3.31 -12.87
N TRP C 36 16.16 3.34 -14.15
CA TRP C 36 16.86 4.19 -15.12
C TRP C 36 16.05 4.34 -16.42
N VAL C 37 16.32 5.43 -17.14
CA VAL C 37 15.59 5.74 -18.36
C VAL C 37 16.49 5.50 -19.57
N GLU C 38 15.89 4.93 -20.63
CA GLU C 38 16.61 4.65 -21.87
C GLU C 38 15.91 5.40 -23.00
N ASN C 39 16.64 5.70 -24.06
CA ASN C 39 16.05 6.29 -25.25
C ASN C 39 15.37 5.25 -26.12
N ALA C 40 15.00 5.62 -27.33
CA ALA C 40 14.32 4.70 -28.23
C ALA C 40 15.27 3.59 -28.67
N ASP C 41 16.57 3.87 -28.61
CA ASP C 41 17.58 2.89 -29.00
C ASP C 41 17.92 1.88 -27.91
N GLY C 42 17.32 2.06 -26.73
CA GLY C 42 17.63 1.19 -25.61
C GLY C 42 18.91 1.56 -24.90
N VAL C 43 19.39 2.78 -25.14
CA VAL C 43 20.65 3.25 -24.55
C VAL C 43 20.41 4.01 -23.25
N LYS C 44 21.10 3.59 -22.19
CA LYS C 44 21.02 4.27 -20.91
C LYS C 44 21.42 5.72 -21.10
N ASP C 45 20.40 6.57 -21.24
CA ASP C 45 20.57 7.93 -21.72
C ASP C 45 21.29 8.87 -20.74
N GLY C 46 20.50 9.69 -20.07
CA GLY C 46 21.03 10.73 -19.20
C GLY C 46 20.14 11.96 -19.25
N ARG C 47 19.26 11.99 -20.25
CA ARG C 47 18.35 13.11 -20.45
C ARG C 47 17.18 13.15 -19.47
N PHE C 48 16.87 12.00 -18.86
CA PHE C 48 15.88 11.94 -17.78
C PHE C 48 16.49 11.32 -16.53
N ILE C 49 16.32 11.99 -15.40
CA ILE C 49 16.93 11.54 -14.14
C ILE C 49 15.90 11.03 -13.13
N VAL C 50 16.11 9.80 -12.67
CA VAL C 50 15.19 9.16 -11.73
C VAL C 50 15.79 9.05 -10.35
N THR C 51 15.09 9.60 -9.36
CA THR C 51 15.47 9.46 -7.96
C THR C 51 14.31 8.89 -7.16
N PRO C 52 14.60 7.96 -6.23
CA PRO C 52 15.94 7.39 -6.01
C PRO C 52 16.30 6.36 -7.08
N PRO C 53 17.53 6.40 -7.57
CA PRO C 53 17.93 5.47 -8.63
C PRO C 53 18.18 4.07 -8.07
N LEU C 54 18.18 3.97 -6.73
CA LEU C 54 18.42 2.71 -6.06
C LEU C 54 17.95 2.76 -4.60
N PHE C 55 17.02 1.88 -4.24
CA PHE C 55 16.53 1.80 -2.87
C PHE C 55 15.97 0.42 -2.58
N ALA C 56 15.70 0.14 -1.31
CA ALA C 56 15.21 -1.18 -0.92
C ALA C 56 13.71 -1.18 -0.59
N MET C 57 13.10 -2.33 -0.75
CA MET C 57 11.73 -2.55 -0.32
C MET C 57 11.64 -3.86 0.47
N LYS C 58 11.73 -3.76 1.79
CA LYS C 58 11.50 -4.91 2.65
C LYS C 58 10.01 -5.01 2.92
N GLY C 59 9.34 -5.95 2.25
CA GLY C 59 7.93 -6.20 2.48
C GLY C 59 6.95 -5.46 1.58
N LYS C 60 5.71 -5.34 2.05
CA LYS C 60 4.65 -4.68 1.29
C LYS C 60 4.75 -3.15 1.32
N LYS C 61 5.41 -2.57 0.34
CA LYS C 61 5.73 -1.14 0.37
C LYS C 61 5.28 -0.36 -0.86
N GLU C 62 5.15 0.95 -0.71
CA GLU C 62 4.99 1.84 -1.86
C GLU C 62 6.03 2.95 -1.81
N ASN C 63 6.76 3.13 -2.90
CA ASN C 63 7.68 4.26 -3.05
C ASN C 63 7.37 5.03 -4.34
N THR C 64 7.56 6.35 -4.30
CA THR C 64 7.29 7.18 -5.47
C THR C 64 8.58 7.61 -6.16
N LEU C 65 8.74 7.22 -7.41
CA LEU C 65 9.90 7.63 -8.18
C LEU C 65 9.71 9.03 -8.78
N ARG C 66 10.75 9.85 -8.71
CA ARG C 66 10.69 11.17 -9.32
C ARG C 66 11.42 11.12 -10.65
N ILE C 67 10.72 11.49 -11.72
CA ILE C 67 11.34 11.57 -13.04
C ILE C 67 11.63 13.02 -13.39
N LEU C 68 12.91 13.37 -13.51
CA LEU C 68 13.31 14.76 -13.72
C LEU C 68 13.84 15.06 -15.13
N ASP C 69 13.16 15.97 -15.83
CA ASP C 69 13.59 16.38 -17.18
C ASP C 69 14.98 17.02 -17.15
N ALA C 70 15.95 16.34 -17.74
CA ALA C 70 17.30 16.88 -17.83
C ALA C 70 17.73 17.02 -19.29
N THR C 71 16.76 17.34 -20.15
CA THR C 71 17.01 17.37 -21.60
C THR C 71 17.59 18.68 -22.08
N ASN C 72 17.59 19.69 -21.21
CA ASN C 72 18.12 21.01 -21.55
C ASN C 72 17.35 21.62 -22.72
N ASN C 73 16.06 21.29 -22.79
CA ASN C 73 15.19 21.67 -23.90
C ASN C 73 15.65 21.38 -25.33
N GLN C 74 16.36 20.27 -25.51
CA GLN C 74 16.93 19.97 -26.81
C GLN C 74 16.04 19.12 -27.70
N LEU C 75 15.16 18.33 -27.08
CA LEU C 75 14.30 17.42 -27.82
C LEU C 75 13.37 18.16 -28.78
N PRO C 76 12.85 17.45 -29.79
CA PRO C 76 11.90 18.05 -30.75
C PRO C 76 10.72 18.71 -30.05
N GLN C 77 10.21 19.79 -30.65
CA GLN C 77 9.15 20.58 -30.03
C GLN C 77 7.85 20.53 -30.83
N ASP C 78 7.86 19.79 -31.92
CA ASP C 78 6.68 19.59 -32.76
C ASP C 78 6.13 18.14 -32.68
N ARG C 79 6.80 17.27 -31.94
CA ARG C 79 6.39 15.88 -31.81
C ARG C 79 6.76 15.29 -30.46
N GLU C 80 6.19 14.13 -30.14
CA GLU C 80 6.56 13.39 -28.93
C GLU C 80 7.84 12.59 -29.15
N SER C 81 8.68 12.54 -28.12
CA SER C 81 9.90 11.73 -28.17
C SER C 81 9.78 10.50 -27.28
N LEU C 82 10.05 9.32 -27.84
CA LEU C 82 9.91 8.07 -27.10
C LEU C 82 11.12 7.78 -26.23
N PHE C 83 10.86 7.54 -24.96
CA PHE C 83 11.87 7.06 -24.03
C PHE C 83 11.29 5.85 -23.30
N TRP C 84 12.17 5.03 -22.73
CA TRP C 84 11.70 3.88 -21.94
C TRP C 84 12.09 4.05 -20.48
N MET C 85 11.12 3.85 -19.61
CA MET C 85 11.35 3.88 -18.18
C MET C 85 11.61 2.43 -17.76
N ASN C 86 12.75 2.19 -17.13
CA ASN C 86 13.09 0.86 -16.65
C ASN C 86 13.12 0.81 -15.13
N VAL C 87 12.46 -0.20 -14.56
CA VAL C 87 12.50 -0.42 -13.12
C VAL C 87 12.82 -1.88 -12.83
N LYS C 88 13.97 -2.12 -12.23
CA LYS C 88 14.45 -3.47 -11.97
C LYS C 88 14.30 -3.88 -10.50
N ALA C 89 13.62 -4.99 -10.25
CA ALA C 89 13.40 -5.48 -8.90
C ALA C 89 14.33 -6.67 -8.62
N ILE C 90 15.29 -6.45 -7.74
CA ILE C 90 16.26 -7.49 -7.42
C ILE C 90 15.90 -8.12 -6.06
N PRO C 91 15.60 -9.44 -6.07
CA PRO C 91 15.12 -10.16 -4.90
C PRO C 91 16.23 -10.61 -3.97
N SER C 92 15.95 -10.59 -2.67
CA SER C 92 16.89 -11.07 -1.68
C SER C 92 17.14 -12.55 -1.90
N MET C 93 18.33 -13.02 -1.53
CA MET C 93 18.64 -14.44 -1.59
C MET C 93 17.65 -15.17 -0.70
N ASP C 94 17.17 -16.31 -1.16
CA ASP C 94 16.21 -17.11 -0.39
C ASP C 94 16.77 -17.48 0.98
N LYS C 95 15.88 -17.69 1.94
CA LYS C 95 16.28 -18.13 3.28
C LYS C 95 15.96 -19.61 3.51
N GLU C 100 18.72 -25.18 -2.62
CA GLU C 100 18.86 -26.50 -3.24
C GLU C 100 18.44 -26.50 -4.72
N ASN C 101 19.39 -26.20 -5.61
CA ASN C 101 19.14 -26.13 -7.05
C ASN C 101 17.97 -25.21 -7.39
N THR C 102 18.27 -23.92 -7.53
CA THR C 102 17.22 -22.94 -7.76
C THR C 102 17.53 -22.01 -8.94
N LEU C 103 16.48 -21.51 -9.55
CA LEU C 103 16.58 -20.44 -10.54
C LEU C 103 15.97 -19.18 -9.93
N GLN C 104 16.78 -18.13 -9.80
CA GLN C 104 16.28 -16.87 -9.26
C GLN C 104 16.27 -15.76 -10.31
N LEU C 105 15.23 -14.93 -10.27
CA LEU C 105 15.01 -13.95 -11.32
C LEU C 105 14.91 -12.51 -10.78
N ALA C 106 15.50 -11.57 -11.53
CA ALA C 106 15.21 -10.15 -11.30
C ALA C 106 14.18 -9.77 -12.35
N ILE C 107 13.27 -8.88 -11.99
CA ILE C 107 12.23 -8.50 -12.92
C ILE C 107 12.44 -7.06 -13.39
N ILE C 108 12.50 -6.87 -14.70
CA ILE C 108 12.54 -5.52 -15.25
C ILE C 108 11.21 -5.14 -15.88
N SER C 109 10.56 -4.14 -15.30
CA SER C 109 9.36 -3.57 -15.88
C SER C 109 9.77 -2.41 -16.78
N ARG C 110 9.24 -2.40 -17.98
CA ARG C 110 9.61 -1.43 -18.97
C ARG C 110 8.34 -0.76 -19.44
N ILE C 111 8.28 0.55 -19.33
CA ILE C 111 7.12 1.29 -19.79
C ILE C 111 7.55 2.46 -20.66
N LYS C 112 6.64 2.93 -21.50
CA LYS C 112 6.93 4.02 -22.39
C LYS C 112 6.95 5.34 -21.62
N LEU C 113 7.95 6.17 -21.90
CA LEU C 113 8.00 7.53 -21.36
C LEU C 113 8.01 8.53 -22.52
N TYR C 114 6.87 9.17 -22.74
CA TYR C 114 6.70 10.11 -23.84
C TYR C 114 6.95 11.54 -23.37
N TYR C 115 8.02 12.15 -23.86
CA TYR C 115 8.21 13.57 -23.62
C TYR C 115 7.28 14.33 -24.56
N ARG C 116 6.29 15.01 -23.99
CA ARG C 116 5.28 15.71 -24.79
C ARG C 116 5.44 17.22 -24.71
N PRO C 117 5.90 17.84 -25.81
CA PRO C 117 6.02 19.30 -25.88
C PRO C 117 4.69 20.00 -25.62
N ALA C 118 4.74 21.13 -24.91
CA ALA C 118 3.61 22.05 -24.88
C ALA C 118 3.50 22.62 -26.29
N LYS C 119 2.30 23.01 -26.69
CA LYS C 119 2.07 23.57 -28.02
C LYS C 119 2.19 22.55 -29.17
N LEU C 120 1.30 21.56 -29.16
CA LEU C 120 1.06 20.73 -30.32
C LEU C 120 -0.31 21.14 -30.84
N ALA C 121 -0.48 21.19 -32.16
CA ALA C 121 -1.72 21.74 -32.70
C ALA C 121 -2.71 20.64 -33.07
N LEU C 122 -2.73 19.59 -32.28
CA LEU C 122 -3.66 18.50 -32.44
C LEU C 122 -3.90 17.96 -31.04
N PRO C 123 -5.15 17.99 -30.57
CA PRO C 123 -5.42 17.41 -29.26
C PRO C 123 -5.13 15.92 -29.30
N PRO C 124 -4.53 15.38 -28.22
CA PRO C 124 -4.07 14.00 -28.15
C PRO C 124 -5.21 13.01 -28.42
N ASP C 125 -6.42 13.39 -28.05
CA ASP C 125 -7.59 12.54 -28.22
C ASP C 125 -8.02 12.38 -29.68
N GLN C 126 -7.60 13.31 -30.53
CA GLN C 126 -7.97 13.30 -31.94
C GLN C 126 -6.90 12.63 -32.81
N ALA C 127 -5.80 12.23 -32.18
CA ALA C 127 -4.66 11.66 -32.91
C ALA C 127 -4.96 10.32 -33.58
N ALA C 128 -5.53 9.39 -32.80
CA ALA C 128 -5.76 8.02 -33.27
C ALA C 128 -6.62 7.92 -34.54
N GLU C 129 -7.47 8.92 -34.79
CA GLU C 129 -8.38 8.87 -35.93
C GLU C 129 -7.73 9.36 -37.23
N LYS C 130 -6.49 9.83 -37.15
CA LYS C 130 -5.80 10.32 -38.34
C LYS C 130 -4.90 9.25 -38.97
N LEU C 131 -4.92 8.06 -38.39
CA LEU C 131 -4.10 6.95 -38.86
C LEU C 131 -4.49 6.51 -40.27
N ARG C 132 -3.48 6.30 -41.12
CA ARG C 132 -3.71 5.92 -42.51
C ARG C 132 -3.09 4.55 -42.80
N PHE C 133 -3.68 3.82 -43.74
CA PHE C 133 -3.18 2.49 -44.09
C PHE C 133 -2.98 2.33 -45.60
N ARG C 134 -1.75 2.00 -45.97
CA ARG C 134 -1.39 1.83 -47.37
C ARG C 134 -0.78 0.45 -47.58
N ARG C 135 -1.37 -0.34 -48.48
CA ARG C 135 -0.88 -1.70 -48.71
C ARG C 135 0.40 -1.73 -49.53
N SER C 136 1.31 -2.63 -49.17
CA SER C 136 2.54 -2.81 -49.92
C SER C 136 2.70 -4.26 -50.36
N ALA C 137 3.93 -4.66 -50.68
CA ALA C 137 4.22 -6.03 -51.10
C ALA C 137 3.82 -7.03 -50.02
N ASN C 138 2.61 -7.57 -50.14
CA ASN C 138 1.97 -8.40 -49.12
C ASN C 138 2.21 -7.95 -47.67
N SER C 139 2.16 -6.64 -47.46
CA SER C 139 2.33 -6.04 -46.14
C SER C 139 1.54 -4.75 -46.03
N LEU C 140 1.18 -4.39 -44.82
CA LEU C 140 0.40 -3.17 -44.59
C LEU C 140 1.23 -2.13 -43.85
N THR C 141 1.26 -0.91 -44.40
CA THR C 141 1.99 0.18 -43.74
C THR C 141 1.05 1.19 -43.09
N LEU C 142 1.26 1.42 -41.80
CA LEU C 142 0.44 2.31 -41.00
C LEU C 142 1.06 3.70 -41.02
N ILE C 143 0.33 4.69 -41.53
CA ILE C 143 0.85 6.04 -41.67
C ILE C 143 0.31 6.97 -40.58
N ASN C 144 1.22 7.57 -39.82
CA ASN C 144 0.86 8.48 -38.74
C ASN C 144 1.28 9.92 -39.02
N PRO C 145 0.32 10.78 -39.39
CA PRO C 145 0.56 12.20 -39.67
C PRO C 145 0.65 13.07 -38.41
N THR C 146 0.41 12.48 -37.24
CA THR C 146 0.24 13.26 -36.02
C THR C 146 1.55 13.41 -35.25
N PRO C 147 1.58 14.31 -34.25
CA PRO C 147 2.77 14.46 -33.40
C PRO C 147 2.84 13.46 -32.22
N TYR C 148 1.94 12.49 -32.18
CA TYR C 148 1.90 11.53 -31.06
C TYR C 148 2.26 10.11 -31.47
N TYR C 149 3.03 9.43 -30.62
CA TYR C 149 3.19 7.99 -30.77
C TYR C 149 1.83 7.32 -30.65
N LEU C 150 1.56 6.42 -31.58
CA LEU C 150 0.32 5.64 -31.56
C LEU C 150 0.63 4.16 -31.34
N THR C 151 0.20 3.65 -30.19
CA THR C 151 0.26 2.22 -29.91
C THR C 151 -0.98 1.57 -30.50
N VAL C 152 -0.81 0.91 -31.64
CA VAL C 152 -1.93 0.27 -32.33
C VAL C 152 -2.05 -1.18 -31.87
N THR C 153 -3.26 -1.58 -31.50
CA THR C 153 -3.53 -2.94 -31.08
C THR C 153 -4.89 -3.40 -31.55
N GLU C 154 -5.10 -4.72 -31.55
CA GLU C 154 -6.31 -5.34 -32.09
C GLU C 154 -6.53 -4.93 -33.54
N LEU C 155 -5.44 -4.91 -34.31
CA LEU C 155 -5.50 -4.53 -35.72
C LEU C 155 -6.09 -5.66 -36.57
N ASN C 156 -7.16 -5.34 -37.29
CA ASN C 156 -7.80 -6.32 -38.17
C ASN C 156 -7.87 -5.83 -39.61
N ALA C 157 -7.65 -6.74 -40.54
CA ALA C 157 -7.88 -6.46 -41.94
C ALA C 157 -8.97 -7.41 -42.42
N GLY C 158 -10.21 -6.91 -42.44
CA GLY C 158 -11.35 -7.77 -42.71
C GLY C 158 -11.50 -8.76 -41.57
N THR C 159 -11.16 -10.02 -41.82
CA THR C 159 -11.35 -11.06 -40.81
C THR C 159 -10.04 -11.62 -40.24
N ARG C 160 -8.91 -11.19 -40.78
CA ARG C 160 -7.62 -11.63 -40.25
C ARG C 160 -7.04 -10.65 -39.22
N VAL C 161 -6.49 -11.21 -38.14
CA VAL C 161 -5.89 -10.40 -37.09
C VAL C 161 -4.42 -10.14 -37.39
N LEU C 162 -4.02 -8.88 -37.28
CA LEU C 162 -2.66 -8.48 -37.62
C LEU C 162 -1.85 -8.17 -36.36
N GLU C 163 -0.53 -8.06 -36.52
CA GLU C 163 0.34 -7.77 -35.39
C GLU C 163 0.08 -6.37 -34.84
N ASN C 164 0.46 -6.15 -33.59
CA ASN C 164 0.37 -4.83 -32.97
C ASN C 164 1.53 -3.96 -33.45
N ALA C 165 1.36 -2.64 -33.36
CA ALA C 165 2.32 -1.72 -33.96
C ALA C 165 2.48 -0.44 -33.16
N LEU C 166 3.72 0.01 -33.01
CA LEU C 166 4.01 1.31 -32.44
C LEU C 166 4.37 2.29 -33.56
N VAL C 167 3.43 3.13 -33.95
CA VAL C 167 3.63 4.03 -35.07
C VAL C 167 4.09 5.41 -34.60
N PRO C 168 5.36 5.76 -34.90
CA PRO C 168 5.96 7.01 -34.46
C PRO C 168 5.33 8.25 -35.09
N PRO C 169 5.39 9.40 -34.41
CA PRO C 169 4.82 10.68 -34.86
C PRO C 169 5.39 11.14 -36.20
N MET C 170 4.50 11.52 -37.11
CA MET C 170 4.88 11.89 -38.47
C MET C 170 5.80 10.85 -39.10
N GLY C 171 5.52 9.58 -38.80
CA GLY C 171 6.30 8.48 -39.33
C GLY C 171 5.42 7.28 -39.64
N GLU C 172 6.03 6.11 -39.66
CA GLU C 172 5.34 4.94 -40.19
C GLU C 172 5.82 3.65 -39.55
N SER C 173 5.05 2.58 -39.73
CA SER C 173 5.40 1.27 -39.22
C SER C 173 4.69 0.20 -40.05
N THR C 174 5.40 -0.85 -40.42
CA THR C 174 4.86 -1.84 -41.36
C THR C 174 4.67 -3.23 -40.78
N VAL C 175 3.44 -3.73 -40.85
CA VAL C 175 3.13 -5.09 -40.44
C VAL C 175 2.98 -6.00 -41.65
N LYS C 176 2.76 -7.29 -41.40
CA LYS C 176 2.58 -8.27 -42.46
C LYS C 176 1.11 -8.43 -42.79
N LEU C 177 0.81 -8.65 -44.07
CA LEU C 177 -0.56 -8.77 -44.52
C LEU C 177 -0.77 -10.06 -45.31
N PRO C 178 -1.63 -10.95 -44.79
CA PRO C 178 -1.93 -12.21 -45.47
C PRO C 178 -2.60 -11.95 -46.81
N SER C 179 -2.43 -12.87 -47.74
CA SER C 179 -2.95 -12.71 -49.09
C SER C 179 -4.49 -12.69 -49.15
N ASP C 180 -5.13 -13.02 -48.04
CA ASP C 180 -6.59 -13.08 -48.01
C ASP C 180 -7.21 -12.00 -47.14
N ALA C 181 -6.38 -11.08 -46.66
CA ALA C 181 -6.85 -10.00 -45.78
C ALA C 181 -7.85 -9.09 -46.48
N GLY C 182 -8.86 -8.66 -45.74
CA GLY C 182 -9.91 -7.81 -46.28
C GLY C 182 -9.54 -6.34 -46.26
N SER C 183 -10.32 -5.53 -46.96
CA SER C 183 -10.04 -4.10 -47.06
C SER C 183 -10.56 -3.31 -45.87
N ASN C 184 -11.58 -3.86 -45.20
CA ASN C 184 -12.15 -3.19 -44.02
C ASN C 184 -11.27 -3.37 -42.79
N ILE C 185 -10.67 -2.27 -42.36
CA ILE C 185 -9.75 -2.31 -41.23
C ILE C 185 -10.38 -1.81 -39.93
N THR C 186 -10.20 -2.57 -38.86
CA THR C 186 -10.59 -2.12 -37.53
C THR C 186 -9.36 -2.16 -36.63
N TYR C 187 -9.33 -1.26 -35.65
CA TYR C 187 -8.23 -1.20 -34.70
C TYR C 187 -8.60 -0.42 -33.44
N ARG C 188 -7.88 -0.68 -32.36
CA ARG C 188 -7.99 0.12 -31.16
C ARG C 188 -6.61 0.71 -30.90
N THR C 189 -6.57 1.71 -30.04
CA THR C 189 -5.29 2.23 -29.55
C THR C 189 -5.33 2.30 -28.02
N ILE C 190 -4.18 2.58 -27.43
CA ILE C 190 -4.09 2.71 -25.99
C ILE C 190 -3.86 4.18 -25.64
N ASN C 191 -4.72 4.75 -24.80
CA ASN C 191 -4.60 6.16 -24.48
C ASN C 191 -3.59 6.45 -23.35
N ASP C 192 -3.50 7.73 -23.00
CA ASP C 192 -2.56 8.19 -21.98
C ASP C 192 -2.77 7.50 -20.63
N TYR C 193 -3.97 7.00 -20.40
CA TYR C 193 -4.29 6.37 -19.13
C TYR C 193 -4.08 4.87 -19.16
N GLY C 194 -3.62 4.38 -20.31
CA GLY C 194 -3.33 2.97 -20.48
C GLY C 194 -4.57 2.19 -20.85
N ALA C 195 -5.64 2.90 -21.19
CA ALA C 195 -6.90 2.26 -21.53
C ALA C 195 -7.05 2.02 -23.05
N LEU C 196 -7.78 0.95 -23.38
CA LEU C 196 -8.17 0.66 -24.74
C LEU C 196 -9.21 1.66 -25.20
N THR C 197 -9.04 2.16 -26.43
CA THR C 197 -10.04 3.00 -27.06
C THR C 197 -11.13 2.08 -27.62
N PRO C 198 -12.29 2.66 -27.98
CA PRO C 198 -13.28 1.84 -28.70
C PRO C 198 -12.82 1.54 -30.13
N LYS C 199 -13.43 0.54 -30.75
CA LYS C 199 -13.07 0.15 -32.12
C LYS C 199 -13.16 1.34 -33.08
N MET C 200 -12.11 1.50 -33.88
CA MET C 200 -12.08 2.51 -34.92
C MET C 200 -11.92 1.82 -36.27
N THR C 201 -12.42 2.47 -37.32
CA THR C 201 -12.43 1.88 -38.64
C THR C 201 -11.42 2.59 -39.54
N GLY C 202 -10.70 1.81 -40.34
CA GLY C 202 -9.75 2.35 -41.29
C GLY C 202 -10.06 1.88 -42.70
N VAL C 203 -9.26 2.31 -43.66
CA VAL C 203 -9.42 1.87 -45.05
C VAL C 203 -8.08 1.76 -45.77
N MET C 204 -7.88 0.65 -46.47
CA MET C 204 -6.64 0.43 -47.22
C MET C 204 -6.51 1.35 -48.41
N GLU C 205 -5.31 1.88 -48.61
CA GLU C 205 -5.00 2.68 -49.79
C GLU C 205 -4.17 1.85 -50.75
N MET D 1 -6.06 5.35 -13.22
N MET D 1 -3.91 5.71 -14.85
CA MET D 1 -5.69 4.82 -14.54
CA MET D 1 -5.04 4.94 -14.32
C MET D 1 -5.47 3.32 -14.50
C MET D 1 -4.71 3.46 -14.26
N ASN D 2 -4.66 2.83 -15.43
CA ASN D 2 -4.34 1.40 -15.52
C ASN D 2 -2.89 1.14 -15.13
N ALA D 3 -2.70 0.50 -13.98
CA ALA D 3 -1.37 0.25 -13.46
C ALA D 3 -0.72 -0.94 -14.16
N ALA D 4 0.59 -1.07 -13.98
CA ALA D 4 1.31 -2.23 -14.48
C ALA D 4 1.01 -3.44 -13.59
N CYS D 5 1.72 -4.54 -13.82
CA CYS D 5 1.42 -5.79 -13.10
C CYS D 5 2.43 -6.12 -12.01
N ALA D 6 1.95 -6.69 -10.91
CA ALA D 6 2.85 -7.17 -9.87
C ALA D 6 3.37 -8.54 -10.29
N VAL D 7 4.67 -8.62 -10.56
CA VAL D 7 5.28 -9.80 -11.18
C VAL D 7 5.86 -10.77 -10.16
N ASP D 8 5.47 -12.04 -10.26
CA ASP D 8 5.93 -13.05 -9.30
C ASP D 8 6.24 -14.41 -9.91
N ALA D 9 7.52 -14.78 -9.87
CA ALA D 9 7.93 -16.14 -10.20
C ALA D 9 8.05 -16.92 -8.89
N GLY D 10 7.42 -18.09 -8.83
CA GLY D 10 7.39 -18.84 -7.59
C GLY D 10 6.51 -18.15 -6.55
N SER D 11 6.87 -18.31 -5.28
CA SER D 11 6.08 -17.78 -4.17
C SER D 11 6.78 -16.67 -3.42
N VAL D 12 8.10 -16.79 -3.25
CA VAL D 12 8.87 -15.73 -2.62
C VAL D 12 10.19 -15.41 -3.33
N ASP D 13 10.51 -14.12 -3.40
CA ASP D 13 11.82 -13.66 -3.85
C ASP D 13 12.18 -14.15 -5.24
N GLN D 14 11.16 -14.26 -6.09
CA GLN D 14 11.30 -14.69 -7.48
C GLN D 14 12.09 -16.00 -7.64
N THR D 15 12.01 -16.86 -6.62
CA THR D 15 12.80 -18.08 -6.58
C THR D 15 12.03 -19.31 -7.06
N VAL D 16 12.62 -20.00 -8.03
CA VAL D 16 12.01 -21.18 -8.65
C VAL D 16 12.82 -22.44 -8.33
N GLN D 17 12.14 -23.44 -7.79
CA GLN D 17 12.75 -24.72 -7.47
C GLN D 17 13.03 -25.52 -8.73
N LEU D 18 14.26 -26.02 -8.85
CA LEU D 18 14.60 -26.92 -9.94
C LEU D 18 14.65 -28.36 -9.45
N GLY D 19 14.62 -29.30 -10.39
CA GLY D 19 14.78 -30.71 -10.05
C GLY D 19 16.24 -30.99 -9.80
N GLN D 20 16.54 -32.18 -9.28
CA GLN D 20 17.93 -32.55 -9.02
C GLN D 20 18.61 -32.97 -10.32
N VAL D 21 19.89 -32.62 -10.44
CA VAL D 21 20.67 -33.01 -11.60
C VAL D 21 21.21 -34.44 -11.50
N ARG D 22 20.66 -35.33 -12.32
CA ARG D 22 21.17 -36.69 -12.42
C ARG D 22 22.15 -36.76 -13.58
N THR D 23 23.40 -37.08 -13.27
CA THR D 23 24.45 -37.13 -14.28
C THR D 23 24.20 -38.24 -15.28
N ALA D 24 23.50 -39.29 -14.85
CA ALA D 24 23.25 -40.45 -15.71
C ALA D 24 22.35 -40.07 -16.88
N SER D 25 21.47 -39.10 -16.66
CA SER D 25 20.57 -38.63 -17.70
C SER D 25 21.28 -37.67 -18.64
N LEU D 26 22.36 -37.06 -18.14
CA LEU D 26 23.07 -36.01 -18.86
C LEU D 26 24.52 -36.41 -19.11
N ALA D 27 24.71 -37.53 -19.81
CA ALA D 27 26.05 -38.08 -19.97
C ALA D 27 26.78 -37.55 -21.20
N GLN D 28 26.06 -36.94 -22.13
CA GLN D 28 26.68 -36.36 -23.32
C GLN D 28 26.14 -34.98 -23.68
N GLU D 29 26.83 -34.32 -24.60
CA GLU D 29 26.36 -33.06 -25.16
C GLU D 29 25.02 -33.28 -25.84
N GLY D 30 24.09 -32.36 -25.63
CA GLY D 30 22.80 -32.42 -26.27
C GLY D 30 21.79 -33.21 -25.45
N ALA D 31 22.28 -33.82 -24.37
CA ALA D 31 21.39 -34.55 -23.47
C ALA D 31 20.64 -33.58 -22.58
N THR D 32 19.34 -33.79 -22.43
CA THR D 32 18.53 -32.98 -21.55
C THR D 32 17.99 -33.83 -20.40
N SER D 33 17.49 -33.16 -19.37
CA SER D 33 16.85 -33.84 -18.27
C SER D 33 15.34 -33.68 -18.43
N SER D 34 14.60 -34.17 -17.45
CA SER D 34 13.15 -33.92 -17.43
C SER D 34 12.88 -32.48 -17.01
N ALA D 35 11.88 -31.87 -17.63
CA ALA D 35 11.58 -30.47 -17.39
C ALA D 35 10.62 -30.28 -16.24
N VAL D 36 10.94 -29.34 -15.36
CA VAL D 36 10.04 -28.93 -14.29
C VAL D 36 9.26 -27.71 -14.76
N GLY D 37 8.00 -27.64 -14.37
CA GLY D 37 7.20 -26.48 -14.69
C GLY D 37 7.36 -25.38 -13.66
N PHE D 38 7.13 -24.14 -14.09
CA PHE D 38 6.94 -23.03 -13.17
C PHE D 38 6.08 -21.96 -13.82
N ASN D 39 5.53 -21.08 -13.01
CA ASN D 39 4.64 -20.03 -13.50
C ASN D 39 5.19 -18.66 -13.13
N ILE D 40 4.99 -17.69 -14.01
CA ILE D 40 5.23 -16.31 -13.67
C ILE D 40 3.90 -15.56 -13.69
N GLN D 41 3.55 -14.99 -12.55
CA GLN D 41 2.23 -14.42 -12.34
C GLN D 41 2.23 -12.90 -12.50
N LEU D 42 1.34 -12.39 -13.35
CA LEU D 42 1.21 -10.94 -13.56
C LEU D 42 0.00 -10.41 -12.78
N ASN D 43 0.21 -10.06 -11.52
CA ASN D 43 -0.89 -9.82 -10.60
C ASN D 43 -1.40 -8.40 -10.52
N ASP D 44 -2.59 -8.27 -9.93
CA ASP D 44 -3.18 -6.99 -9.53
C ASP D 44 -3.30 -6.00 -10.67
N CYS D 45 -3.61 -6.51 -11.86
CA CYS D 45 -3.74 -5.65 -13.02
C CYS D 45 -4.84 -6.14 -13.97
N ASP D 46 -5.29 -5.21 -14.81
CA ASP D 46 -6.29 -5.47 -15.83
C ASP D 46 -5.80 -6.61 -16.70
N THR D 47 -6.67 -7.58 -16.98
CA THR D 47 -6.30 -8.76 -17.73
C THR D 47 -5.88 -8.43 -19.17
N ASN D 48 -6.37 -7.31 -19.70
CA ASN D 48 -5.92 -6.80 -20.99
C ASN D 48 -4.47 -6.39 -20.96
N VAL D 49 -4.09 -5.68 -19.89
CA VAL D 49 -2.73 -5.20 -19.72
C VAL D 49 -1.74 -6.37 -19.70
N ALA D 50 -1.99 -7.33 -18.82
CA ALA D 50 -1.13 -8.50 -18.67
C ALA D 50 -0.94 -9.26 -19.97
N SER D 51 -2.06 -9.72 -20.55
CA SER D 51 -2.02 -10.56 -21.74
C SER D 51 -1.35 -9.86 -22.93
N LYS D 52 -1.68 -8.59 -23.11
CA LYS D 52 -1.13 -7.82 -24.22
C LYS D 52 0.24 -7.21 -23.89
N ALA D 53 1.01 -7.90 -23.07
CA ALA D 53 2.38 -7.49 -22.78
C ALA D 53 3.38 -8.41 -23.48
N ALA D 54 4.58 -7.88 -23.70
CA ALA D 54 5.65 -8.65 -24.31
C ALA D 54 6.65 -9.03 -23.23
N VAL D 55 7.21 -10.21 -23.37
CA VAL D 55 7.92 -10.85 -22.28
C VAL D 55 9.20 -11.49 -22.82
N ALA D 56 10.29 -11.39 -22.06
CA ALA D 56 11.58 -11.91 -22.52
C ALA D 56 12.47 -12.29 -21.36
N PHE D 57 13.50 -13.07 -21.63
CA PHE D 57 14.49 -13.42 -20.63
C PHE D 57 15.86 -12.87 -21.03
N LEU D 58 16.71 -12.66 -20.04
CA LEU D 58 18.08 -12.19 -20.27
C LEU D 58 19.05 -12.83 -19.28
N GLY D 59 20.07 -13.50 -19.80
CA GLY D 59 21.06 -14.11 -18.95
C GLY D 59 22.28 -14.62 -19.69
N THR D 60 23.36 -14.82 -18.95
CA THR D 60 24.61 -15.32 -19.50
C THR D 60 24.47 -16.74 -20.04
N ALA D 61 24.83 -16.92 -21.31
CA ALA D 61 24.80 -18.22 -21.97
C ALA D 61 25.93 -19.09 -21.41
N ILE D 62 25.75 -20.41 -21.49
CA ILE D 62 26.75 -21.34 -20.94
C ILE D 62 28.01 -21.33 -21.80
N ASP D 63 27.84 -21.24 -23.11
CA ASP D 63 28.93 -21.02 -24.05
C ASP D 63 28.40 -20.38 -25.34
N ALA D 64 29.31 -20.05 -26.26
CA ALA D 64 28.93 -19.40 -27.51
C ALA D 64 28.13 -20.32 -28.43
N GLY D 65 28.19 -21.62 -28.16
CA GLY D 65 27.48 -22.60 -28.95
C GLY D 65 26.15 -23.02 -28.31
N HIS D 66 25.76 -22.32 -27.26
CA HIS D 66 24.48 -22.56 -26.60
C HIS D 66 23.92 -21.26 -26.04
N THR D 67 23.45 -20.38 -26.91
CA THR D 67 23.01 -19.05 -26.50
C THR D 67 21.62 -19.02 -25.87
N ASN D 68 20.95 -20.18 -25.84
CA ASN D 68 19.68 -20.29 -25.13
C ASN D 68 19.77 -21.21 -23.92
N VAL D 69 20.99 -21.58 -23.55
CA VAL D 69 21.22 -22.38 -22.37
C VAL D 69 21.93 -21.54 -21.31
N LEU D 70 21.18 -21.18 -20.26
CA LEU D 70 21.70 -20.36 -19.18
C LEU D 70 22.82 -21.06 -18.42
N ALA D 71 23.84 -20.31 -18.02
CA ALA D 71 24.96 -20.86 -17.26
C ALA D 71 24.60 -21.07 -15.78
N LEU D 72 25.53 -21.64 -15.02
CA LEU D 72 25.31 -21.89 -13.59
C LEU D 72 26.25 -21.08 -12.71
N GLN D 73 25.94 -21.00 -11.42
CA GLN D 73 26.74 -20.24 -10.48
C GLN D 73 27.49 -21.12 -9.48
N SER D 74 28.67 -20.66 -9.06
CA SER D 74 29.45 -21.36 -8.06
C SER D 74 29.07 -20.90 -6.66
N GLY D 78 28.11 -28.59 -3.88
CA GLY D 78 29.11 -28.36 -4.91
C GLY D 78 28.49 -28.01 -6.25
N SER D 79 29.29 -27.39 -7.13
CA SER D 79 28.78 -26.95 -8.42
C SER D 79 28.97 -27.99 -9.53
N ALA D 80 27.85 -28.39 -10.14
CA ALA D 80 27.89 -29.28 -11.30
C ALA D 80 28.32 -28.52 -12.55
N THR D 81 29.03 -29.20 -13.45
CA THR D 81 29.55 -28.56 -14.65
C THR D 81 29.12 -29.28 -15.92
N ASN D 82 29.51 -28.72 -17.07
CA ASN D 82 29.11 -29.23 -18.37
C ASN D 82 27.60 -29.26 -18.55
N VAL D 83 26.93 -28.30 -17.92
CA VAL D 83 25.48 -28.27 -17.91
C VAL D 83 24.98 -26.87 -17.52
N GLY D 84 23.85 -26.48 -18.09
CA GLY D 84 23.21 -25.24 -17.73
C GLY D 84 21.72 -25.43 -17.63
N VAL D 85 20.98 -24.32 -17.57
CA VAL D 85 19.52 -24.36 -17.53
C VAL D 85 18.93 -23.81 -18.82
N GLN D 86 17.78 -24.35 -19.22
CA GLN D 86 17.10 -23.90 -20.42
C GLN D 86 15.63 -23.67 -20.13
N ILE D 87 15.11 -22.51 -20.51
CA ILE D 87 13.72 -22.13 -20.22
C ILE D 87 12.82 -22.30 -21.45
N LEU D 88 11.72 -23.05 -21.27
CA LEU D 88 10.82 -23.34 -22.38
C LEU D 88 9.44 -22.74 -22.16
N ASP D 89 8.72 -22.45 -23.25
CA ASP D 89 7.37 -21.93 -23.14
C ASP D 89 6.37 -22.97 -22.64
N ARG D 90 5.09 -22.72 -22.87
CA ARG D 90 4.04 -23.58 -22.31
C ARG D 90 4.03 -25.02 -22.86
N THR D 91 4.55 -25.21 -24.06
CA THR D 91 4.46 -26.51 -24.73
C THR D 91 5.79 -27.24 -24.88
N GLY D 92 6.86 -26.64 -24.38
CA GLY D 92 8.18 -27.25 -24.49
C GLY D 92 8.98 -26.75 -25.67
N ALA D 93 9.31 -25.46 -25.66
CA ALA D 93 10.06 -24.83 -26.73
C ALA D 93 11.02 -23.78 -26.17
N ALA D 94 12.32 -24.01 -26.33
CA ALA D 94 13.36 -23.15 -25.75
C ALA D 94 13.23 -21.69 -26.19
N LEU D 95 13.72 -20.79 -25.33
CA LEU D 95 13.59 -19.35 -25.53
C LEU D 95 14.93 -18.66 -25.32
N THR D 96 15.16 -17.56 -26.04
CA THR D 96 16.48 -16.91 -26.05
C THR D 96 16.81 -16.17 -24.74
N LEU D 97 18.08 -15.80 -24.60
CA LEU D 97 18.55 -15.11 -23.41
C LEU D 97 19.25 -13.80 -23.77
N ASP D 98 18.99 -13.29 -24.96
CA ASP D 98 19.59 -12.05 -25.43
C ASP D 98 18.71 -10.85 -25.12
N GLY D 99 17.40 -11.05 -25.18
CA GLY D 99 16.45 -9.97 -24.96
C GLY D 99 15.40 -9.89 -26.05
N ALA D 100 15.25 -10.98 -26.79
CA ALA D 100 14.23 -11.07 -27.85
C ALA D 100 12.84 -11.19 -27.24
N THR D 101 12.14 -10.06 -27.15
CA THR D 101 10.82 -10.00 -26.53
C THR D 101 9.76 -10.78 -27.33
N PHE D 102 8.67 -11.15 -26.68
CA PHE D 102 7.57 -11.88 -27.34
C PHE D 102 6.30 -11.92 -26.48
N SER D 103 5.16 -12.07 -27.14
CA SER D 103 3.84 -11.96 -26.51
C SER D 103 3.59 -12.82 -25.26
N SER D 104 2.82 -12.27 -24.32
CA SER D 104 2.46 -12.97 -23.10
C SER D 104 1.28 -13.91 -23.33
N GLU D 105 0.28 -13.42 -24.07
CA GLU D 105 -0.93 -14.19 -24.36
C GLU D 105 -1.69 -14.61 -23.10
N THR D 112 -6.96 -14.93 -15.13
CA THR D 112 -5.86 -15.78 -14.68
C THR D 112 -4.54 -15.00 -14.53
N ASN D 113 -4.05 -14.46 -15.65
CA ASN D 113 -2.79 -13.70 -15.69
C ASN D 113 -1.56 -14.54 -15.34
N THR D 114 -1.56 -15.80 -15.76
CA THR D 114 -0.46 -16.70 -15.48
C THR D 114 0.33 -17.00 -16.75
N ILE D 115 1.65 -16.88 -16.67
CA ILE D 115 2.48 -17.26 -17.80
C ILE D 115 3.18 -18.55 -17.44
N PRO D 116 2.75 -19.67 -18.04
CA PRO D 116 3.35 -20.95 -17.71
C PRO D 116 4.66 -21.19 -18.45
N PHE D 117 5.69 -21.61 -17.71
CA PHE D 117 6.97 -21.95 -18.30
C PHE D 117 7.39 -23.37 -17.94
N GLN D 118 8.53 -23.79 -18.46
CA GLN D 118 9.18 -25.02 -18.03
C GLN D 118 10.69 -24.75 -18.03
N ALA D 119 11.41 -25.48 -17.17
CA ALA D 119 12.86 -25.36 -17.11
C ALA D 119 13.49 -26.75 -17.11
N ARG D 120 14.66 -26.89 -17.75
CA ARG D 120 15.34 -28.17 -17.81
C ARG D 120 16.84 -27.99 -18.00
N TYR D 121 17.61 -29.01 -17.66
CA TYR D 121 19.06 -28.95 -17.82
C TYR D 121 19.48 -29.36 -19.24
N PHE D 122 20.39 -28.58 -19.80
CA PHE D 122 20.96 -28.89 -21.10
C PHE D 122 22.46 -29.13 -20.91
N ALA D 123 22.87 -30.38 -21.09
CA ALA D 123 24.27 -30.76 -20.95
C ALA D 123 25.08 -30.31 -22.16
N THR D 124 26.30 -29.86 -21.90
CA THR D 124 27.22 -29.48 -22.97
C THR D 124 28.36 -30.49 -23.01
N GLY D 125 28.14 -31.63 -22.37
CA GLY D 125 29.15 -32.67 -22.27
C GLY D 125 28.82 -33.64 -21.15
N ALA D 126 29.83 -34.40 -20.71
CA ALA D 126 29.65 -35.31 -19.59
C ALA D 126 29.48 -34.52 -18.30
N ALA D 127 28.24 -34.40 -17.84
CA ALA D 127 27.95 -33.59 -16.67
C ALA D 127 28.54 -34.19 -15.39
N THR D 128 29.27 -33.35 -14.66
CA THR D 128 29.78 -33.73 -13.35
C THR D 128 28.71 -33.47 -12.30
N PRO D 129 28.70 -34.26 -11.21
CA PRO D 129 27.71 -34.06 -10.15
C PRO D 129 27.86 -32.71 -9.45
N GLY D 130 26.85 -32.35 -8.67
CA GLY D 130 26.86 -31.10 -7.94
C GLY D 130 25.48 -30.46 -7.90
N ALA D 131 25.41 -29.24 -7.38
CA ALA D 131 24.15 -28.51 -7.35
C ALA D 131 24.08 -27.56 -8.55
N ALA D 132 22.86 -27.21 -8.95
CA ALA D 132 22.67 -26.30 -10.08
C ALA D 132 21.84 -25.08 -9.67
N ASN D 133 22.50 -24.01 -9.28
CA ASN D 133 21.84 -22.75 -9.03
C ASN D 133 22.08 -21.78 -10.17
N ALA D 134 21.03 -21.23 -10.74
CA ALA D 134 21.15 -20.31 -11.85
C ALA D 134 20.40 -18.99 -11.60
N ASP D 135 20.84 -17.94 -12.28
CA ASP D 135 20.22 -16.62 -12.14
C ASP D 135 19.96 -16.02 -13.51
N ALA D 136 18.81 -15.38 -13.68
CA ALA D 136 18.53 -14.64 -14.90
C ALA D 136 17.73 -13.38 -14.60
N THR D 137 17.23 -12.75 -15.65
CA THR D 137 16.34 -11.62 -15.52
C THR D 137 15.13 -11.88 -16.41
N PHE D 138 13.98 -11.36 -16.00
CA PHE D 138 12.77 -11.50 -16.78
C PHE D 138 12.25 -10.10 -17.09
N LYS D 139 12.11 -9.81 -18.37
CA LYS D 139 11.69 -8.49 -18.82
C LYS D 139 10.23 -8.46 -19.20
N VAL D 140 9.49 -7.52 -18.62
CA VAL D 140 8.09 -7.29 -18.97
C VAL D 140 7.95 -5.91 -19.62
N GLN D 141 7.59 -5.89 -20.90
CA GLN D 141 7.47 -4.63 -21.63
C GLN D 141 6.02 -4.39 -22.05
N TYR D 142 5.42 -3.36 -21.47
CA TYR D 142 4.00 -3.11 -21.67
C TYR D 142 3.68 -2.37 -22.96
N GLN D 143 2.55 -2.71 -23.57
CA GLN D 143 2.08 -2.03 -24.76
C GLN D 143 1.48 -0.70 -24.35
C1 PEG E . -23.80 -5.65 17.12
O1 PEG E . -24.86 -4.82 17.44
C2 PEG E . -23.44 -5.83 15.68
O2 PEG E . -24.37 -6.46 14.87
C3 PEG E . -23.96 -7.15 13.76
C4 PEG E . -24.43 -6.73 12.41
O4 PEG E . -23.59 -6.96 11.34
C1 PEG F . 11.30 4.43 16.27
O1 PEG F . 12.47 4.87 16.86
C2 PEG F . 11.22 4.48 14.78
O2 PEG F . 12.15 3.75 14.05
C3 PEG F . 11.93 2.41 13.80
C4 PEG F . 12.94 1.69 12.98
O4 PEG F . 14.06 1.20 13.63
C1 PEG G . 3.27 -4.05 24.92
O1 PEG G . 2.91 -3.16 25.91
C2 PEG G . 3.64 -5.44 25.32
O2 PEG G . 3.53 -6.45 24.39
C3 PEG G . 3.64 -7.76 24.80
C4 PEG G . 3.37 -8.83 23.78
O4 PEG G . 3.54 -10.14 24.19
C1 PEG H . -26.44 -12.24 33.38
O1 PEG H . -25.61 -11.35 34.02
C2 PEG H . -26.74 -13.54 34.04
O2 PEG H . -25.73 -14.48 34.16
C3 PEG H . -24.60 -14.18 34.88
C4 PEG H . -23.59 -15.26 35.04
O4 PEG H . -24.05 -16.54 34.85
C1 PEG I . -38.00 1.96 14.55
O1 PEG I . -39.26 1.60 14.11
C2 PEG I . -37.10 0.88 15.00
O2 PEG I . -37.66 -0.16 15.70
C3 PEG I . -36.85 -1.20 16.14
C4 PEG I . -35.85 -1.76 15.19
O4 PEG I . -36.28 -2.09 13.92
C1 PEG J . -13.35 -23.57 20.70
O1 PEG J . -12.51 -24.65 20.48
C2 PEG J . -14.79 -23.82 21.00
O2 PEG J . -15.22 -23.68 22.31
C3 PEG J . -16.56 -23.84 22.62
C4 PEG J . -17.13 -25.22 22.65
O4 PEG J . -18.51 -25.37 22.62
O1 PG4 K . -2.62 16.43 6.22
C1 PG4 K . -1.64 15.47 6.27
C2 PG4 K . -0.52 15.68 7.23
O2 PG4 K . 0.49 14.74 7.22
C3 PG4 K . 0.94 14.28 6.00
C4 PG4 K . 1.38 12.85 5.95
O3 PG4 K . 1.53 12.27 4.71
C5 PG4 K . 0.65 11.30 4.29
C6 PG4 K . -0.11 11.56 3.03
O4 PG4 K . -1.41 11.10 2.97
C7 PG4 K . -2.39 11.73 3.70
C8 PG4 K . -3.03 12.94 3.10
O5 PG4 K . -4.28 12.80 2.54
P PO4 L . 11.13 -1.72 6.33
O1 PO4 L . 10.09 -0.63 6.45
O2 PO4 L . 11.93 -1.79 7.61
O3 PO4 L . 10.43 -3.03 6.10
O4 PO4 L . 12.07 -1.42 5.18
C1 PEG M . -20.89 4.86 8.23
O1 PEG M . -22.10 4.21 8.34
C2 PEG M . -20.41 5.71 9.37
O2 PEG M . -20.11 5.08 10.56
C3 PEG M . -19.50 5.78 11.57
C4 PEG M . -19.24 5.09 12.87
O4 PEG M . -18.79 5.85 13.93
P PO4 N . -14.05 -4.35 8.47
O1 PO4 N . -14.28 -2.87 8.25
O2 PO4 N . -15.08 -5.14 7.68
O3 PO4 N . -14.21 -4.67 9.95
O4 PO4 N . -12.67 -4.72 8.02
C1 PEG O . 18.64 -13.38 3.31
O1 PEG O . 19.31 -13.82 2.18
C2 PEG O . 17.18 -13.69 3.44
O2 PEG O . 16.30 -13.01 2.64
C3 PEG O . 14.94 -13.10 2.87
C4 PEG O . 14.04 -12.17 2.12
O4 PEG O . 12.68 -12.39 2.13
C1 PGE P . 0.91 -2.85 -2.34
O1 PGE P . 0.12 -2.81 -3.53
C2 PGE P . 0.82 -1.49 -1.62
O2 PGE P . 1.62 -1.54 -0.43
C3 PGE P . 1.61 -0.30 0.26
C4 PGE P . 0.19 0.04 0.69
O4 PGE P . -2.43 3.26 2.94
C6 PGE P . -1.10 2.91 2.58
C5 PGE P . -1.13 1.63 1.77
O3 PGE P . 0.21 1.28 1.39
C1 PGE Q . -3.15 8.57 -28.55
O1 PGE Q . -3.69 7.57 -29.41
C2 PGE Q . -3.40 8.14 -27.11
O2 PGE Q . -2.89 9.12 -26.21
C3 PGE Q . -3.57 10.34 -26.50
C4 PGE Q . -5.03 10.29 -26.00
O4 PGE Q . -5.58 11.77 -22.40
C6 PGE Q . -6.35 10.59 -22.62
C5 PGE Q . -6.39 10.31 -24.11
O3 PGE Q . -5.05 10.11 -24.59
C1 PEG R . -1.38 2.60 -7.13
O1 PEG R . -0.22 3.31 -6.92
C2 PEG R . -1.28 1.40 -8.00
O2 PEG R . -0.08 0.73 -8.02
C3 PEG R . 0.00 -0.52 -8.60
C4 PEG R . -0.30 -1.70 -7.73
O4 PEG R . -1.55 -1.76 -7.14
O1 PG4 S . -2.81 -11.03 -5.16
C1 PG4 S . -1.77 -10.59 -4.36
C2 PG4 S . -0.89 -11.63 -3.74
O2 PG4 S . 0.13 -11.22 -2.91
C3 PG4 S . 1.18 -12.08 -2.65
C4 PG4 S . 2.13 -12.39 -3.77
O3 PG4 S . 2.77 -13.60 -3.78
C5 PG4 S . 2.74 -14.35 -4.94
C6 PG4 S . 3.12 -15.79 -4.90
O4 PG4 S . 2.16 -16.75 -5.17
C7 PG4 S . 1.82 -17.06 -6.47
C8 PG4 S . 0.85 -16.16 -7.17
O5 PG4 S . 0.10 -15.30 -6.38
C1 PEG T . 19.37 -11.41 -10.46
O1 PEG T . 20.08 -11.39 -11.64
C2 PEG T . 19.47 -12.64 -9.62
O2 PEG T . 18.88 -12.63 -8.38
C3 PEG T . 19.31 -11.72 -7.43
C4 PEG T . 20.78 -11.68 -7.11
O4 PEG T . 21.36 -12.85 -6.66
#